data_8ZX4
#
_entry.id   8ZX4
#
_cell.length_a   1.00
_cell.length_b   1.00
_cell.length_c   1.00
_cell.angle_alpha   90.00
_cell.angle_beta   90.00
_cell.angle_gamma   90.00
#
_symmetry.space_group_name_H-M   'P 1'
#
loop_
_entity.id
_entity.type
_entity.pdbx_description
1 polymer 'engineered miniGalpha 13'
2 polymer 'Guanine nucleotide-binding protein G(I)/G(S)/G(T) subunit beta-1'
3 polymer 'Guanine nucleotide-binding protein G(I)/G(S)/G(O) subunit gamma-2'
4 polymer 'G-protein coupled receptor 55'
5 non-polymer '[(2~{R})-2-oxidanyl-3-[oxidanyl-[(2~{S},3~{R},5~{R},6~{R})-2,3,4,5,6-pentakis(oxidanyl)cyclohexyl]oxy-phosphoryl]oxy-propyl] hexadecanoate'
#
loop_
_entity_poly.entity_id
_entity_poly.type
_entity_poly.pdbx_seq_one_letter_code
_entity_poly.pdbx_strand_id
1 'polypeptide(L)'
;MGSTVSAEDKAAAERSKEIDKCLSREKTYVKRLVKILLLGADNSGKSTFLKQMRIIHGGSGGSGGTKGIHEYDFEIKNVP
FKMVDVGGQRSERKRWFECFDSVTSILFLVDSSDFNRLTESLNDFETIVNNRVFSNVSIILFLNKTDLLEEKVQIVSIKD
YFLEFEGDPHCLRDVQKFLVECFRNKRRDQQQKPLYHHFTTAINTENARLIFRDVKDTILHDNLKQLMLQ
;
A
2 'polypeptide(L)'
;MGSLLQSELDQLRQEAEQLKNQIRDARKACADATLSQITNNIDPVGRIQMRTRRTLRGHLAKIYAMHWGTDSRLLVSASQ
DGKLIIWDSYTTNKVHAIPLRSSWVMTCAYAPSGNYVACGGLDNICSIYNLKTREGNVRVSRELAGHTGYLSCCRFLDDN
QIVTSSGDTTCALWDIETGQQTTTFTGHTGDVMSLSLAPDTRLFVSGACDASAKLWDVREGMCRQTFTGHESDINAICFF
PNGNAFATGSDDATCRLFDLRADQELMTYSHDNIICGITSVSFSKSGRLLLAGYDDFNCNVWDALKADRAGVLAGHDNRV
SCLGVTDDGMAVATGSWDSFLKIWN
;
B
3 'polypeptide(L)' MASNNTASIAQARKLVEQLKMEANIDRIKVSKAAADLMAYCEAHAKEDPLLTPVPASENPFREKKFFCAIL G
4 'polypeptide(L)'
;MSQQNTSGDCLFDGVNELMKTLQFAVHIPTFVLGLLLNLLAIHGFSTFLKNRWPDYAATSIYMINLAVFDLLLVLSLPFK
MVLSQVQSPFPSLCTLVECLYFVSMYGSVFTICFISMDRFLAIRYPLLVSHLRSPRKIFGICCTIWVLVWTGSIPIYSFH
GKVEKYMCFHNMSDDTWSAKVFFPLEVFGFLLPMGIMGFCCSRSIHILLGRRDHTQDWVQQKACIYSIAASLAVFVVSFL
PVHLGFFLQFLVRNSFIVECRAKQSISFFLQLSMCFSNVNCCLDVFVYYFVIKEFRM
;
R
#
loop_
_chem_comp.id
_chem_comp.type
_chem_comp.name
_chem_comp.formula
A1D9E non-polymer '[(2~{R})-2-oxidanyl-3-[oxidanyl-[(2~{S},3~{R},5~{R},6~{R})-2,3,4,5,6-pentakis(oxidanyl)cyclohexyl]oxy-phosphoryl]oxy-propyl] hexadecanoate' 'C25 H49 O12 P'
#
# COMPACT_ATOMS: atom_id res chain seq x y z
N GLU A 8 22.12 29.46 14.49
CA GLU A 8 22.74 29.18 13.19
C GLU A 8 22.05 28.01 12.51
N ASP A 9 21.69 28.19 11.23
CA ASP A 9 21.03 27.14 10.47
C ASP A 9 21.92 25.91 10.28
N LYS A 10 23.23 26.05 10.42
CA LYS A 10 24.11 24.89 10.32
C LYS A 10 23.81 23.89 11.43
N ALA A 11 23.64 24.38 12.67
CA ALA A 11 23.28 23.52 13.78
C ALA A 11 21.91 22.89 13.59
N ALA A 12 20.94 23.66 13.10
CA ALA A 12 19.61 23.11 12.86
C ALA A 12 19.64 22.00 11.82
N ALA A 13 20.40 22.21 10.73
CA ALA A 13 20.53 21.17 9.72
C ALA A 13 21.23 19.94 10.28
N GLU A 14 22.27 20.13 11.09
CA GLU A 14 22.92 19.00 11.73
C GLU A 14 21.94 18.21 12.59
N ARG A 15 21.17 18.91 13.44
CA ARG A 15 20.22 18.25 14.31
C ARG A 15 19.18 17.49 13.51
N SER A 16 18.69 18.09 12.42
CA SER A 16 17.81 17.36 11.51
C SER A 16 18.49 16.09 10.99
N LYS A 17 19.81 16.15 10.77
CA LYS A 17 20.51 14.97 10.28
C LYS A 17 20.58 13.86 11.33
N GLU A 18 20.87 14.20 12.60
CA GLU A 18 20.84 13.14 13.60
C GLU A 18 19.43 12.60 13.80
N ILE A 19 18.43 13.46 13.68
CA ILE A 19 17.04 12.97 13.77
C ILE A 19 16.75 12.00 12.63
N ASP A 20 17.19 12.33 11.42
CA ASP A 20 16.99 11.43 10.28
C ASP A 20 17.74 10.12 10.48
N LYS A 21 18.95 10.18 11.05
CA LYS A 21 19.68 8.95 11.33
C LYS A 21 18.94 8.08 12.33
N CYS A 22 18.40 8.69 13.39
CA CYS A 22 17.63 7.94 14.37
C CYS A 22 16.39 7.32 13.74
N LEU A 23 15.71 8.07 12.87
CA LEU A 23 14.52 7.53 12.19
C LEU A 23 14.90 6.37 11.27
N SER A 24 16.01 6.50 10.54
CA SER A 24 16.41 5.46 9.60
C SER A 24 16.91 4.21 10.33
N ARG A 25 17.42 4.36 11.54
CA ARG A 25 17.83 3.18 12.31
C ARG A 25 16.64 2.28 12.64
N GLU A 26 15.43 2.82 12.71
CA GLU A 26 14.24 2.04 13.01
C GLU A 26 13.51 1.56 11.76
N LYS A 27 13.97 1.95 10.57
CA LYS A 27 13.34 1.45 9.35
C LYS A 27 13.49 -0.06 9.21
N THR A 28 14.68 -0.59 9.54
CA THR A 28 14.91 -2.02 9.46
C THR A 28 14.09 -2.80 10.48
N TYR A 29 13.52 -2.14 11.48
CA TYR A 29 12.60 -2.77 12.42
C TYR A 29 11.16 -2.63 11.98
N VAL A 30 10.78 -1.45 11.47
CA VAL A 30 9.42 -1.25 10.99
C VAL A 30 9.13 -2.11 9.77
N LYS A 31 10.16 -2.40 8.96
CA LYS A 31 9.96 -3.23 7.78
C LYS A 31 9.92 -4.72 8.09
N ARG A 32 10.58 -5.15 9.17
CA ARG A 32 10.61 -6.56 9.56
C ARG A 32 9.60 -6.90 10.64
N LEU A 33 8.75 -5.97 11.05
CA LEU A 33 7.81 -6.21 12.15
C LEU A 33 6.50 -6.78 11.61
N VAL A 34 6.02 -7.83 12.24
CA VAL A 34 4.76 -8.47 11.86
C VAL A 34 3.71 -8.12 12.89
N LYS A 35 2.69 -7.37 12.47
CA LYS A 35 1.59 -6.95 13.33
C LYS A 35 0.39 -7.86 13.10
N ILE A 36 -0.11 -8.47 14.17
CA ILE A 36 -1.23 -9.39 14.10
C ILE A 36 -2.37 -8.85 14.97
N LEU A 37 -3.53 -8.67 14.37
CA LEU A 37 -4.69 -8.16 15.09
C LEU A 37 -5.46 -9.32 15.70
N LEU A 38 -5.59 -9.33 17.03
CA LEU A 38 -6.17 -10.45 17.76
C LEU A 38 -7.63 -10.13 18.08
N LEU A 39 -8.54 -11.00 17.64
CA LEU A 39 -9.96 -10.86 17.91
C LEU A 39 -10.48 -12.12 18.57
N GLY A 40 -11.56 -11.98 19.31
CA GLY A 40 -12.15 -13.10 20.02
C GLY A 40 -13.12 -12.62 21.07
N ALA A 41 -14.12 -13.46 21.31
CA ALA A 41 -15.15 -13.14 22.30
C ALA A 41 -14.65 -13.47 23.70
N ASP A 42 -15.44 -13.05 24.69
CA ASP A 42 -15.07 -13.23 26.09
C ASP A 42 -14.95 -14.70 26.48
N ASN A 43 -15.68 -15.59 25.81
CA ASN A 43 -15.65 -17.02 26.12
C ASN A 43 -14.60 -17.77 25.31
N SER A 44 -13.85 -17.08 24.46
CA SER A 44 -12.93 -17.76 23.56
C SER A 44 -11.63 -18.19 24.24
N GLY A 45 -11.42 -17.78 25.49
CA GLY A 45 -10.18 -18.10 26.16
C GLY A 45 -9.00 -17.23 25.78
N LYS A 46 -9.24 -15.96 25.47
CA LYS A 46 -8.16 -15.07 25.06
C LYS A 46 -7.13 -14.89 26.17
N SER A 47 -7.60 -14.83 27.42
CA SER A 47 -6.68 -14.61 28.54
C SER A 47 -5.67 -15.74 28.68
N THR A 48 -6.13 -16.99 28.69
CA THR A 48 -5.21 -18.11 28.82
C THR A 48 -4.29 -18.23 27.60
N PHE A 49 -4.83 -17.93 26.42
CA PHE A 49 -4.02 -17.90 25.21
C PHE A 49 -2.84 -16.93 25.36
N LEU A 50 -3.12 -15.70 25.76
CA LEU A 50 -2.07 -14.70 25.93
C LEU A 50 -1.12 -15.08 27.06
N LYS A 51 -1.65 -15.63 28.16
CA LYS A 51 -0.78 -16.05 29.26
C LYS A 51 0.19 -17.13 28.81
N GLN A 52 -0.29 -18.10 28.01
CA GLN A 52 0.55 -19.18 27.55
C GLN A 52 1.45 -18.75 26.39
N MET A 53 1.23 -17.55 25.85
CA MET A 53 2.25 -16.91 25.01
C MET A 53 3.42 -16.35 25.81
N ARG A 54 3.57 -16.76 27.07
CA ARG A 54 4.68 -16.33 27.91
C ARG A 54 4.67 -14.82 28.12
N ILE A 55 3.47 -14.24 28.09
CA ILE A 55 3.31 -12.80 28.20
C ILE A 55 2.56 -12.45 29.49
N LYS A 67 -7.93 1.04 29.71
CA LYS A 67 -6.62 1.52 29.32
C LYS A 67 -6.46 1.48 27.80
N GLY A 68 -7.57 1.63 27.08
CA GLY A 68 -7.52 1.57 25.64
C GLY A 68 -7.25 0.15 25.15
N ILE A 69 -6.65 0.06 23.98
CA ILE A 69 -6.30 -1.23 23.39
C ILE A 69 -4.95 -1.67 23.92
N HIS A 70 -4.65 -2.96 23.79
CA HIS A 70 -3.42 -3.53 24.33
C HIS A 70 -2.49 -3.96 23.20
N GLU A 71 -1.20 -4.02 23.51
CA GLU A 71 -0.19 -4.53 22.59
C GLU A 71 0.71 -5.49 23.34
N TYR A 72 1.18 -6.51 22.62
CA TYR A 72 2.10 -7.50 23.16
C TYR A 72 3.21 -7.73 22.16
N ASP A 73 4.46 -7.59 22.60
CA ASP A 73 5.62 -7.72 21.74
C ASP A 73 6.36 -9.01 22.10
N PHE A 74 6.71 -9.78 21.07
CA PHE A 74 7.47 -11.01 21.31
C PHE A 74 8.26 -11.38 20.07
N GLU A 75 9.13 -12.37 20.22
CA GLU A 75 10.07 -12.76 19.17
C GLU A 75 9.91 -14.25 18.89
N ILE A 76 9.74 -14.60 17.62
CA ILE A 76 9.80 -15.99 17.19
C ILE A 76 10.86 -16.13 16.11
N LYS A 77 11.89 -16.91 16.40
CA LYS A 77 12.95 -17.23 15.44
C LYS A 77 13.48 -15.96 14.79
N ASN A 78 13.92 -15.03 15.63
CA ASN A 78 14.48 -13.74 15.23
C ASN A 78 13.54 -12.92 14.37
N VAL A 79 12.23 -13.08 14.56
CA VAL A 79 11.22 -12.28 13.87
C VAL A 79 10.37 -11.59 14.94
N PRO A 80 10.15 -10.27 14.83
CA PRO A 80 9.34 -9.58 15.84
C PRO A 80 7.86 -9.59 15.49
N PHE A 81 7.05 -10.04 16.45
CA PHE A 81 5.61 -10.04 16.33
C PHE A 81 5.00 -9.09 17.36
N LYS A 82 3.93 -8.42 16.94
CA LYS A 82 3.19 -7.49 17.78
C LYS A 82 1.71 -7.82 17.70
N MET A 83 1.18 -8.40 18.77
CA MET A 83 -0.23 -8.71 18.90
C MET A 83 -0.97 -7.46 19.35
N VAL A 84 -1.95 -7.03 18.56
CA VAL A 84 -2.77 -5.87 18.86
C VAL A 84 -4.13 -6.39 19.31
N ASP A 85 -4.41 -6.26 20.60
CA ASP A 85 -5.63 -6.79 21.21
C ASP A 85 -6.58 -5.63 21.45
N VAL A 86 -7.66 -5.56 20.67
CA VAL A 86 -8.69 -4.53 20.86
C VAL A 86 -9.68 -5.11 21.88
N GLY A 87 -9.33 -4.95 23.15
CA GLY A 87 -10.10 -5.56 24.22
C GLY A 87 -11.40 -4.86 24.53
N GLY A 88 -12.38 -4.99 23.63
CA GLY A 88 -13.69 -4.41 23.82
C GLY A 88 -13.89 -3.08 23.11
N GLN A 89 -12.83 -2.45 22.63
CA GLN A 89 -12.97 -1.20 21.89
C GLN A 89 -13.27 -1.40 20.42
N ARG A 90 -13.34 -2.64 19.95
CA ARG A 90 -13.74 -2.90 18.56
C ARG A 90 -15.23 -2.69 18.34
N SER A 91 -16.00 -2.47 19.40
CA SER A 91 -17.44 -2.25 19.27
C SER A 91 -17.76 -1.02 18.43
N GLU A 92 -16.79 -0.13 18.24
CA GLU A 92 -16.94 1.01 17.34
C GLU A 92 -16.61 0.56 15.91
N ARG A 93 -17.60 -0.05 15.27
CA ARG A 93 -17.45 -0.65 13.95
C ARG A 93 -17.47 0.44 12.87
N LYS A 94 -16.44 1.29 12.91
CA LYS A 94 -16.31 2.39 11.98
C LYS A 94 -14.98 2.27 11.23
N ARG A 95 -14.97 2.77 9.99
CA ARG A 95 -13.77 2.66 9.17
C ARG A 95 -12.59 3.43 9.78
N TRP A 96 -12.86 4.56 10.42
CA TRP A 96 -11.80 5.28 11.11
C TRP A 96 -11.12 4.40 12.16
N PHE A 97 -11.90 3.60 12.90
CA PHE A 97 -11.30 2.64 13.80
C PHE A 97 -10.58 1.54 13.04
N GLU A 98 -11.04 1.21 11.83
CA GLU A 98 -10.40 0.19 11.00
C GLU A 98 -9.11 0.76 10.41
N CYS A 99 -8.17 1.06 11.32
CA CYS A 99 -6.85 1.54 10.96
C CYS A 99 -5.82 0.41 11.04
N PHE A 100 -6.28 -0.82 10.88
CA PHE A 100 -5.43 -2.00 10.99
C PHE A 100 -5.18 -2.66 9.63
N ASP A 101 -5.31 -1.88 8.54
CA ASP A 101 -5.12 -2.43 7.21
C ASP A 101 -3.68 -2.81 6.92
N SER A 102 -2.73 -2.41 7.77
CA SER A 102 -1.32 -2.74 7.58
C SER A 102 -0.89 -3.98 8.35
N VAL A 103 -1.79 -4.63 9.08
CA VAL A 103 -1.42 -5.81 9.84
C VAL A 103 -1.20 -6.98 8.88
N THR A 104 -0.29 -7.88 9.25
CA THR A 104 -0.04 -9.05 8.42
C THR A 104 -1.18 -10.05 8.51
N SER A 105 -1.65 -10.34 9.71
CA SER A 105 -2.69 -11.34 9.92
C SER A 105 -3.71 -10.85 10.92
N ILE A 106 -4.91 -11.42 10.80
CA ILE A 106 -5.95 -11.33 11.83
C ILE A 106 -6.09 -12.72 12.45
N LEU A 107 -5.96 -12.79 13.76
CA LEU A 107 -6.07 -14.04 14.48
C LEU A 107 -7.37 -14.06 15.26
N PHE A 108 -8.28 -14.95 14.87
CA PHE A 108 -9.54 -15.17 15.57
C PHE A 108 -9.39 -16.27 16.60
N LEU A 109 -9.99 -16.06 17.76
CA LEU A 109 -10.16 -17.11 18.76
C LEU A 109 -11.64 -17.44 18.84
N VAL A 110 -11.98 -18.72 18.69
CA VAL A 110 -13.36 -19.16 18.75
C VAL A 110 -13.47 -20.31 19.74
N ASP A 111 -14.42 -20.19 20.66
CA ASP A 111 -14.74 -21.30 21.56
C ASP A 111 -15.52 -22.33 20.77
N SER A 112 -14.84 -23.38 20.33
CA SER A 112 -15.46 -24.39 19.49
C SER A 112 -16.41 -25.32 20.26
N SER A 113 -16.20 -25.48 21.56
CA SER A 113 -17.03 -26.41 22.33
C SER A 113 -18.39 -25.81 22.63
N ASP A 114 -18.44 -24.52 22.93
CA ASP A 114 -19.68 -23.86 23.33
C ASP A 114 -20.54 -23.64 22.08
N PHE A 115 -21.34 -24.65 21.74
CA PHE A 115 -22.11 -24.63 20.50
C PHE A 115 -23.08 -23.46 20.43
N ASN A 116 -23.76 -23.13 21.54
CA ASN A 116 -24.82 -22.13 21.53
C ASN A 116 -24.38 -20.79 20.95
N ARG A 117 -23.07 -20.55 20.84
CA ARG A 117 -22.57 -19.25 20.38
C ARG A 117 -21.81 -19.33 19.07
N LEU A 118 -21.58 -20.53 18.51
CA LEU A 118 -20.88 -20.63 17.24
C LEU A 118 -21.50 -19.73 16.17
N THR A 119 -22.83 -19.76 16.03
CA THR A 119 -23.47 -18.87 15.07
C THR A 119 -23.04 -17.43 15.30
N GLU A 120 -23.14 -16.96 16.54
CA GLU A 120 -22.67 -15.62 16.85
C GLU A 120 -21.23 -15.43 16.42
N SER A 121 -20.34 -16.37 16.79
CA SER A 121 -18.96 -16.29 16.36
C SER A 121 -18.88 -16.21 14.84
N LEU A 122 -19.62 -17.07 14.15
CA LEU A 122 -19.62 -17.02 12.69
C LEU A 122 -20.10 -15.67 12.21
N ASN A 123 -21.17 -15.13 12.82
CA ASN A 123 -21.68 -13.84 12.42
C ASN A 123 -20.63 -12.76 12.60
N ASP A 124 -19.74 -12.92 13.58
CA ASP A 124 -18.64 -11.98 13.73
C ASP A 124 -17.59 -12.21 12.66
N PHE A 125 -17.25 -13.48 12.41
CA PHE A 125 -16.22 -13.80 11.42
C PHE A 125 -16.57 -13.20 10.07
N GLU A 126 -17.80 -13.40 9.62
CA GLU A 126 -18.23 -12.89 8.31
C GLU A 126 -18.09 -11.39 8.24
N THR A 127 -18.21 -10.69 9.37
CA THR A 127 -18.08 -9.23 9.34
C THR A 127 -16.64 -8.81 9.15
N ILE A 128 -15.69 -9.58 9.68
CA ILE A 128 -14.31 -9.13 9.70
C ILE A 128 -13.59 -9.51 8.41
N VAL A 129 -13.67 -10.78 8.01
CA VAL A 129 -12.91 -11.24 6.85
C VAL A 129 -13.43 -10.62 5.56
N ASN A 130 -14.73 -10.35 5.46
CA ASN A 130 -15.31 -9.76 4.26
C ASN A 130 -15.22 -8.24 4.25
N ASN A 131 -14.70 -7.64 5.30
CA ASN A 131 -14.45 -6.21 5.33
C ASN A 131 -13.43 -5.85 4.26
N ARG A 132 -13.70 -4.79 3.50
CA ARG A 132 -12.78 -4.39 2.45
C ARG A 132 -11.44 -3.92 3.00
N VAL A 133 -11.42 -3.43 4.25
CA VAL A 133 -10.18 -2.94 4.85
C VAL A 133 -9.13 -4.05 4.93
N PHE A 134 -9.57 -5.27 5.29
CA PHE A 134 -8.66 -6.38 5.52
C PHE A 134 -8.52 -7.29 4.31
N SER A 135 -8.58 -6.73 3.10
CA SER A 135 -8.43 -7.56 1.91
C SER A 135 -7.01 -8.10 1.76
N ASN A 136 -6.00 -7.37 2.23
CA ASN A 136 -4.61 -7.79 2.12
C ASN A 136 -4.10 -8.44 3.40
N VAL A 137 -4.99 -8.99 4.21
CA VAL A 137 -4.65 -9.58 5.50
C VAL A 137 -5.08 -11.04 5.49
N SER A 138 -4.13 -11.92 5.80
CA SER A 138 -4.46 -13.34 5.95
C SER A 138 -5.13 -13.59 7.29
N ILE A 139 -5.93 -14.65 7.34
CA ILE A 139 -6.71 -14.98 8.53
C ILE A 139 -6.15 -16.25 9.13
N ILE A 140 -5.76 -16.17 10.40
CA ILE A 140 -5.44 -17.33 11.21
C ILE A 140 -6.60 -17.53 12.16
N LEU A 141 -7.13 -18.75 12.20
CA LEU A 141 -8.31 -19.06 12.98
C LEU A 141 -7.97 -20.15 13.98
N PHE A 142 -8.18 -19.88 15.26
CA PHE A 142 -7.88 -20.81 16.33
C PHE A 142 -9.20 -21.26 16.94
N LEU A 143 -9.34 -22.57 17.12
CA LEU A 143 -10.54 -23.15 17.71
C LEU A 143 -10.13 -23.68 19.08
N ASN A 144 -10.32 -22.84 20.11
CA ASN A 144 -9.86 -23.16 21.46
C ASN A 144 -10.73 -24.23 22.09
N LYS A 145 -10.25 -24.78 23.20
CA LYS A 145 -10.99 -25.72 24.03
C LYS A 145 -11.43 -26.95 23.24
N THR A 146 -10.48 -27.51 22.48
CA THR A 146 -10.76 -28.75 21.76
C THR A 146 -11.01 -29.92 22.70
N ASP A 147 -10.38 -29.92 23.88
CA ASP A 147 -10.71 -30.92 24.89
C ASP A 147 -12.19 -30.88 25.24
N LEU A 148 -12.73 -29.71 25.53
CA LEU A 148 -14.16 -29.58 25.78
C LEU A 148 -15.00 -29.93 24.56
N LEU A 149 -14.39 -30.03 23.38
CA LEU A 149 -15.09 -30.60 22.24
C LEU A 149 -15.34 -32.09 22.40
N GLU A 150 -14.30 -32.86 22.78
CA GLU A 150 -14.45 -34.32 22.78
C GLU A 150 -15.44 -34.74 23.86
N GLU A 151 -15.59 -33.94 24.91
CA GLU A 151 -16.67 -34.16 25.87
C GLU A 151 -18.01 -33.73 25.30
N LYS A 152 -18.06 -32.58 24.64
CA LYS A 152 -19.34 -32.03 24.18
C LYS A 152 -19.90 -32.85 23.02
N VAL A 153 -19.03 -33.39 22.16
CA VAL A 153 -19.50 -34.12 20.99
C VAL A 153 -20.27 -35.37 21.40
N GLN A 154 -19.77 -36.10 22.39
CA GLN A 154 -20.40 -37.34 22.84
C GLN A 154 -21.63 -37.11 23.69
N ILE A 155 -21.92 -35.87 24.09
CA ILE A 155 -23.09 -35.54 24.90
C ILE A 155 -24.21 -34.98 24.06
N VAL A 156 -23.91 -34.03 23.18
CA VAL A 156 -24.91 -33.38 22.35
C VAL A 156 -24.50 -33.49 20.89
N SER A 157 -25.48 -33.30 20.01
CA SER A 157 -25.26 -33.39 18.57
C SER A 157 -25.08 -32.00 17.99
N ILE A 158 -24.10 -31.86 17.09
CA ILE A 158 -23.92 -30.60 16.38
C ILE A 158 -25.12 -30.31 15.48
N LYS A 159 -25.83 -31.35 15.04
CA LYS A 159 -27.05 -31.16 14.26
C LYS A 159 -28.14 -30.45 15.04
N ASP A 160 -28.08 -30.48 16.38
CA ASP A 160 -29.09 -29.79 17.19
C ASP A 160 -29.01 -28.28 17.03
N TYR A 161 -27.91 -27.76 16.52
CA TYR A 161 -27.72 -26.33 16.33
C TYR A 161 -27.52 -25.93 14.87
N PHE A 162 -26.90 -26.79 14.07
CA PHE A 162 -26.71 -26.56 12.65
C PHE A 162 -27.36 -27.70 11.88
N LEU A 163 -28.35 -27.38 11.04
CA LEU A 163 -29.04 -28.42 10.30
C LEU A 163 -28.27 -28.84 9.06
N GLU A 164 -27.20 -28.12 8.70
CA GLU A 164 -26.45 -28.42 7.50
C GLU A 164 -25.47 -29.57 7.69
N PHE A 165 -25.28 -30.04 8.92
CA PHE A 165 -24.33 -31.10 9.18
C PHE A 165 -24.79 -32.39 8.52
N GLU A 166 -23.84 -33.18 8.02
CA GLU A 166 -24.16 -34.36 7.23
C GLU A 166 -23.53 -35.65 7.73
N GLY A 167 -22.40 -35.58 8.42
CA GLY A 167 -21.74 -36.76 8.96
C GLY A 167 -22.43 -37.28 10.19
N ASP A 168 -21.76 -38.20 10.90
CA ASP A 168 -22.28 -38.66 12.18
C ASP A 168 -21.94 -37.64 13.26
N PRO A 169 -22.94 -37.15 14.00
CA PRO A 169 -22.68 -36.06 14.96
C PRO A 169 -21.80 -36.46 16.14
N HIS A 170 -21.50 -37.74 16.31
CA HIS A 170 -20.71 -38.20 17.45
C HIS A 170 -19.28 -38.56 17.07
N CYS A 171 -18.80 -38.04 15.94
CA CYS A 171 -17.41 -38.20 15.53
C CYS A 171 -16.73 -36.84 15.60
N LEU A 172 -15.62 -36.78 16.33
CA LEU A 172 -14.93 -35.50 16.53
C LEU A 172 -14.42 -34.94 15.22
N ARG A 173 -13.83 -35.79 14.38
CA ARG A 173 -13.20 -35.32 13.14
C ARG A 173 -14.23 -34.72 12.19
N ASP A 174 -15.40 -35.35 12.08
CA ASP A 174 -16.43 -34.82 11.20
C ASP A 174 -16.98 -33.48 11.68
N VAL A 175 -17.21 -33.35 12.99
CA VAL A 175 -17.63 -32.06 13.54
C VAL A 175 -16.56 -31.00 13.31
N GLN A 176 -15.29 -31.38 13.47
CA GLN A 176 -14.21 -30.43 13.26
C GLN A 176 -14.16 -29.95 11.82
N LYS A 177 -14.29 -30.86 10.84
CA LYS A 177 -14.26 -30.41 9.46
C LYS A 177 -15.50 -29.58 9.14
N PHE A 178 -16.63 -29.91 9.78
CA PHE A 178 -17.84 -29.11 9.58
C PHE A 178 -17.64 -27.69 10.07
N LEU A 179 -17.03 -27.53 11.25
CA LEU A 179 -16.76 -26.19 11.77
C LEU A 179 -15.77 -25.45 10.89
N VAL A 180 -14.72 -26.13 10.42
CA VAL A 180 -13.74 -25.48 9.56
C VAL A 180 -14.40 -24.99 8.28
N GLU A 181 -15.25 -25.81 7.66
CA GLU A 181 -15.92 -25.39 6.45
C GLU A 181 -16.96 -24.31 6.71
N CYS A 182 -17.61 -24.34 7.88
CA CYS A 182 -18.54 -23.27 8.24
C CYS A 182 -17.81 -21.93 8.33
N PHE A 183 -16.62 -21.93 8.92
CA PHE A 183 -15.85 -20.68 8.99
C PHE A 183 -15.32 -20.29 7.62
N ARG A 184 -14.89 -21.26 6.81
CA ARG A 184 -14.35 -20.95 5.50
C ARG A 184 -15.41 -20.43 4.54
N ASN A 185 -16.65 -20.86 4.72
CA ASN A 185 -17.74 -20.48 3.82
C ASN A 185 -18.27 -19.08 4.09
N LYS A 186 -17.93 -18.47 5.22
CA LYS A 186 -18.29 -17.09 5.49
C LYS A 186 -17.38 -16.10 4.77
N ARG A 187 -16.33 -16.60 4.11
CA ARG A 187 -15.34 -15.76 3.47
C ARG A 187 -15.60 -15.69 1.96
N ARG A 188 -16.02 -14.52 1.50
CA ARG A 188 -16.10 -14.26 0.07
C ARG A 188 -14.71 -13.86 -0.44
N ASP A 189 -14.54 -13.96 -1.76
CA ASP A 189 -13.28 -13.60 -2.43
C ASP A 189 -12.12 -14.43 -1.86
N GLN A 190 -12.21 -15.73 -2.10
CA GLN A 190 -11.25 -16.70 -1.59
C GLN A 190 -9.95 -16.73 -2.36
N GLN A 191 -9.66 -15.71 -3.18
CA GLN A 191 -8.46 -15.69 -4.00
C GLN A 191 -7.48 -14.62 -3.58
N GLN A 192 -7.68 -13.99 -2.43
CA GLN A 192 -6.81 -12.88 -2.00
C GLN A 192 -5.67 -13.36 -1.11
N LYS A 193 -6.00 -13.92 0.05
CA LYS A 193 -5.01 -14.33 1.02
C LYS A 193 -5.40 -15.67 1.63
N PRO A 194 -4.42 -16.46 2.05
CA PRO A 194 -4.73 -17.78 2.62
C PRO A 194 -5.36 -17.67 4.00
N LEU A 195 -6.17 -18.67 4.33
CA LEU A 195 -6.79 -18.81 5.63
C LEU A 195 -6.19 -20.01 6.33
N TYR A 196 -5.84 -19.84 7.61
CA TYR A 196 -5.22 -20.89 8.39
C TYR A 196 -6.11 -21.23 9.60
N HIS A 197 -6.31 -22.52 9.82
CA HIS A 197 -7.11 -22.98 10.94
C HIS A 197 -6.29 -23.94 11.78
N HIS A 198 -6.46 -23.84 13.10
CA HIS A 198 -5.84 -24.76 14.03
C HIS A 198 -6.82 -25.11 15.14
N PHE A 199 -6.76 -26.35 15.60
CA PHE A 199 -7.56 -26.82 16.71
C PHE A 199 -6.67 -27.02 17.92
N THR A 200 -6.82 -26.16 18.93
CA THR A 200 -5.92 -26.12 20.05
C THR A 200 -6.69 -26.25 21.35
N THR A 201 -6.01 -26.77 22.37
CA THR A 201 -6.55 -26.97 23.71
C THR A 201 -6.02 -25.89 24.64
N ALA A 202 -6.33 -26.04 25.92
CA ALA A 202 -5.90 -25.05 26.91
C ALA A 202 -4.43 -25.18 27.26
N ILE A 203 -3.76 -26.27 26.85
CA ILE A 203 -2.32 -26.38 27.07
C ILE A 203 -1.58 -25.31 26.28
N ASN A 204 -1.91 -25.19 24.99
CA ASN A 204 -1.48 -24.06 24.16
C ASN A 204 0.04 -23.93 24.08
N THR A 205 0.73 -25.07 24.07
CA THR A 205 2.18 -25.06 24.17
C THR A 205 2.90 -24.88 22.83
N GLU A 206 2.18 -24.88 21.71
CA GLU A 206 2.81 -24.78 20.40
C GLU A 206 2.24 -23.66 19.54
N ASN A 207 1.48 -22.73 20.11
CA ASN A 207 0.73 -21.79 19.27
C ASN A 207 1.64 -20.74 18.66
N ALA A 208 2.75 -20.41 19.33
CA ALA A 208 3.72 -19.49 18.73
C ALA A 208 4.32 -20.08 17.46
N ARG A 209 4.64 -21.37 17.50
CA ARG A 209 5.15 -22.05 16.31
C ARG A 209 4.15 -22.02 15.17
N LEU A 210 2.86 -22.27 15.48
CA LEU A 210 1.84 -22.25 14.45
C LEU A 210 1.64 -20.85 13.88
N ILE A 211 1.66 -19.83 14.74
CA ILE A 211 1.54 -18.46 14.27
C ILE A 211 2.71 -18.11 13.36
N PHE A 212 3.92 -18.51 13.74
CA PHE A 212 5.08 -18.24 12.90
C PHE A 212 4.98 -18.96 11.56
N ARG A 213 4.51 -20.21 11.58
CA ARG A 213 4.37 -20.95 10.32
C ARG A 213 3.35 -20.29 9.40
N ASP A 214 2.22 -19.86 9.95
CA ASP A 214 1.20 -19.21 9.15
C ASP A 214 1.67 -17.86 8.62
N VAL A 215 2.40 -17.10 9.43
CA VAL A 215 2.92 -15.81 8.97
C VAL A 215 3.98 -16.02 7.90
N LYS A 216 4.82 -17.03 8.05
CA LYS A 216 5.81 -17.34 7.03
C LYS A 216 5.13 -17.74 5.72
N ASP A 217 4.05 -18.51 5.81
CA ASP A 217 3.32 -18.87 4.59
C ASP A 217 2.63 -17.66 3.97
N THR A 218 2.16 -16.72 4.80
CA THR A 218 1.58 -15.50 4.25
C THR A 218 2.63 -14.66 3.53
N ILE A 219 3.85 -14.60 4.08
CA ILE A 219 4.93 -13.88 3.42
C ILE A 219 5.35 -14.59 2.14
N LEU A 220 5.32 -15.92 2.15
CA LEU A 220 5.52 -16.68 0.92
C LEU A 220 4.47 -16.34 -0.13
N HIS A 221 3.20 -16.24 0.28
CA HIS A 221 2.15 -15.87 -0.64
C HIS A 221 2.38 -14.48 -1.21
N ASP A 222 2.80 -13.54 -0.37
CA ASP A 222 3.11 -12.19 -0.85
C ASP A 222 4.27 -12.20 -1.83
N ASN A 223 5.31 -12.99 -1.54
CA ASN A 223 6.43 -13.12 -2.48
C ASN A 223 5.98 -13.66 -3.82
N LEU A 224 5.19 -14.74 -3.82
CA LEU A 224 4.64 -15.27 -5.05
C LEU A 224 3.82 -14.24 -5.81
N LYS A 225 3.04 -13.44 -5.10
CA LYS A 225 2.36 -12.29 -5.71
C LYS A 225 3.36 -11.34 -6.34
N GLN A 226 4.54 -11.23 -5.73
CA GLN A 226 5.53 -10.26 -6.17
C GLN A 226 6.42 -10.81 -7.27
N LEU A 227 6.40 -12.14 -7.47
CA LEU A 227 7.23 -12.77 -8.50
C LEU A 227 6.58 -12.81 -9.87
N MET A 228 5.31 -12.43 -9.99
CA MET A 228 4.56 -12.51 -11.26
C MET A 228 4.55 -13.92 -11.81
N LEU A 229 4.08 -14.87 -11.01
CA LEU A 229 3.97 -16.24 -11.47
C LEU A 229 2.59 -16.55 -12.06
N GLN A 230 1.65 -15.63 -11.97
CA GLN A 230 0.31 -15.84 -12.52
C GLN A 230 -0.44 -14.52 -12.64
N ARG B 13 -43.09 13.64 22.46
CA ARG B 13 -42.79 13.36 21.05
C ARG B 13 -43.44 14.38 20.12
N GLN B 14 -44.71 14.72 20.39
CA GLN B 14 -45.39 15.72 19.59
C GLN B 14 -44.72 17.08 19.70
N GLU B 15 -44.30 17.46 20.92
CA GLU B 15 -43.60 18.73 21.09
C GLU B 15 -42.27 18.73 20.35
N ALA B 16 -41.53 17.63 20.38
CA ALA B 16 -40.28 17.54 19.63
C ALA B 16 -40.53 17.69 18.14
N GLU B 17 -41.55 17.01 17.62
CA GLU B 17 -41.88 17.15 16.20
C GLU B 17 -42.26 18.58 15.85
N GLN B 18 -43.06 19.22 16.72
CA GLN B 18 -43.45 20.61 16.47
C GLN B 18 -42.25 21.53 16.48
N LEU B 19 -41.31 21.33 17.41
CA LEU B 19 -40.11 22.17 17.47
C LEU B 19 -39.24 21.96 16.23
N LYS B 20 -39.08 20.71 15.79
CA LYS B 20 -38.33 20.45 14.57
C LYS B 20 -38.98 21.12 13.37
N ASN B 21 -40.32 21.04 13.27
CA ASN B 21 -41.03 21.67 12.17
C ASN B 21 -40.89 23.19 12.22
N GLN B 22 -40.97 23.78 13.42
CA GLN B 22 -40.79 25.23 13.55
C GLN B 22 -39.39 25.66 13.13
N ILE B 23 -38.38 24.89 13.55
CA ILE B 23 -37.01 25.21 13.17
C ILE B 23 -36.85 25.14 11.66
N ARG B 24 -37.38 24.07 11.04
CA ARG B 24 -37.27 23.92 9.59
C ARG B 24 -38.03 25.02 8.85
N ASP B 25 -39.19 25.43 9.39
CA ASP B 25 -39.96 26.49 8.75
C ASP B 25 -39.26 27.84 8.86
N ALA B 26 -38.62 28.11 10.00
CA ALA B 26 -37.81 29.32 10.12
C ALA B 26 -36.63 29.28 9.16
N ARG B 27 -36.02 28.11 8.98
CA ARG B 27 -34.95 27.96 8.01
C ARG B 27 -35.44 28.26 6.60
N LYS B 28 -36.62 27.73 6.24
CA LYS B 28 -37.18 27.99 4.92
C LYS B 28 -37.50 29.47 4.73
N ALA B 29 -38.06 30.11 5.76
CA ALA B 29 -38.37 31.53 5.68
C ALA B 29 -37.10 32.36 5.48
N CYS B 30 -36.03 32.02 6.22
CA CYS B 30 -34.76 32.70 6.01
C CYS B 30 -34.19 32.42 4.62
N ALA B 31 -34.53 31.27 4.03
CA ALA B 31 -33.97 30.84 2.75
C ALA B 31 -34.76 31.48 1.60
N ASP B 32 -34.67 32.80 1.52
CA ASP B 32 -35.24 33.52 0.37
C ASP B 32 -34.37 33.31 -0.87
N ALA B 33 -33.06 33.39 -0.71
CA ALA B 33 -32.13 33.16 -1.79
C ALA B 33 -30.80 32.73 -1.19
N THR B 34 -30.11 31.85 -1.90
CA THR B 34 -28.86 31.27 -1.44
C THR B 34 -27.68 32.01 -2.05
N LEU B 35 -26.49 31.65 -1.57
CA LEU B 35 -25.27 32.28 -2.07
C LEU B 35 -25.05 32.03 -3.55
N SER B 36 -25.32 30.80 -4.01
CA SER B 36 -25.09 30.50 -5.41
C SER B 36 -25.98 31.28 -6.35
N GLN B 37 -27.02 31.94 -5.84
CA GLN B 37 -27.90 32.76 -6.65
C GLN B 37 -27.54 34.24 -6.68
N ILE B 38 -26.71 34.70 -5.75
CA ILE B 38 -26.42 36.13 -5.64
C ILE B 38 -24.93 36.39 -5.76
N THR B 39 -24.13 35.33 -5.82
CA THR B 39 -22.69 35.47 -6.01
C THR B 39 -22.29 35.49 -7.48
N ASN B 40 -23.26 35.48 -8.40
CA ASN B 40 -22.97 35.63 -9.82
C ASN B 40 -22.38 36.98 -10.16
N ASN B 41 -22.51 37.96 -9.28
CA ASN B 41 -21.94 39.30 -9.49
C ASN B 41 -20.47 39.38 -9.11
N ILE B 42 -19.89 38.30 -8.61
CA ILE B 42 -18.48 38.25 -8.24
C ILE B 42 -17.74 37.46 -9.32
N ASP B 43 -16.62 38.01 -9.78
CA ASP B 43 -15.80 37.29 -10.74
C ASP B 43 -15.27 36.00 -10.12
N PRO B 44 -15.43 34.86 -10.80
CA PRO B 44 -14.88 33.62 -10.25
C PRO B 44 -13.37 33.69 -10.12
N VAL B 45 -12.84 32.97 -9.13
CA VAL B 45 -11.41 32.99 -8.86
C VAL B 45 -10.62 32.43 -10.03
N GLY B 46 -11.19 31.49 -10.76
CA GLY B 46 -10.52 30.92 -11.92
C GLY B 46 -9.97 29.55 -11.62
N ARG B 47 -8.68 29.35 -11.93
CA ARG B 47 -8.02 28.07 -11.73
C ARG B 47 -6.69 28.32 -11.05
N ILE B 48 -6.57 27.84 -9.82
CA ILE B 48 -5.54 28.27 -8.88
C ILE B 48 -4.30 27.41 -9.09
N GLN B 49 -3.13 28.06 -9.15
CA GLN B 49 -1.86 27.37 -9.27
C GLN B 49 -1.26 27.18 -7.89
N MET B 50 -1.23 25.94 -7.42
CA MET B 50 -0.48 25.61 -6.22
C MET B 50 0.56 24.55 -6.56
N ARG B 51 1.80 24.82 -6.15
CA ARG B 51 2.92 23.97 -6.46
C ARG B 51 3.55 23.47 -5.17
N THR B 52 4.15 22.28 -5.26
CA THR B 52 4.82 21.68 -4.11
C THR B 52 6.13 22.42 -3.84
N ARG B 53 6.07 23.35 -2.88
CA ARG B 53 7.26 24.11 -2.51
C ARG B 53 8.23 23.29 -1.68
N ARG B 54 7.71 22.36 -0.86
CA ARG B 54 8.54 21.47 -0.05
C ARG B 54 7.89 20.11 0.02
N THR B 55 8.69 19.10 0.34
CA THR B 55 8.20 17.76 0.57
C THR B 55 8.90 17.22 1.81
N LEU B 56 8.17 17.20 2.93
CA LEU B 56 8.71 16.78 4.22
C LEU B 56 8.74 15.26 4.25
N ARG B 57 9.92 14.70 4.44
CA ARG B 57 10.14 13.26 4.47
C ARG B 57 10.73 12.85 5.80
N GLY B 58 10.45 11.61 6.20
CA GLY B 58 10.99 11.10 7.45
C GLY B 58 10.04 10.20 8.22
N HIS B 59 8.73 10.35 8.01
CA HIS B 59 7.79 9.44 8.64
C HIS B 59 7.91 8.05 8.03
N LEU B 60 7.73 7.04 8.88
CA LEU B 60 7.91 5.65 8.48
C LEU B 60 6.59 4.95 8.16
N ALA B 61 5.47 5.65 8.24
CA ALA B 61 4.17 5.03 8.02
C ALA B 61 3.17 6.12 7.62
N LYS B 62 1.90 5.76 7.59
CA LYS B 62 0.85 6.69 7.21
C LYS B 62 0.82 7.88 8.16
N ILE B 63 0.44 9.03 7.64
CA ILE B 63 0.30 10.25 8.43
C ILE B 63 -1.18 10.48 8.66
N TYR B 64 -1.58 10.61 9.92
CA TYR B 64 -3.00 10.73 10.26
C TYR B 64 -3.42 12.12 10.67
N ALA B 65 -2.50 12.96 11.14
CA ALA B 65 -2.88 14.30 11.55
C ALA B 65 -1.68 15.24 11.44
N MET B 66 -1.98 16.50 11.16
CA MET B 66 -1.00 17.56 11.23
C MET B 66 -1.67 18.79 11.84
N HIS B 67 -0.84 19.75 12.24
CA HIS B 67 -1.34 21.03 12.72
C HIS B 67 -0.27 22.09 12.55
N TRP B 68 -0.65 23.24 12.00
CA TRP B 68 0.27 24.35 11.83
C TRP B 68 0.47 25.11 13.12
N GLY B 69 1.59 25.81 13.23
CA GLY B 69 1.81 26.74 14.31
C GLY B 69 1.10 28.06 14.06
N THR B 70 1.02 28.86 15.12
CA THR B 70 0.47 30.19 14.99
C THR B 70 1.46 31.17 14.37
N ASP B 71 2.75 30.82 14.32
CA ASP B 71 3.74 31.60 13.60
C ASP B 71 3.74 31.32 12.11
N SER B 72 2.95 30.35 11.65
CA SER B 72 2.86 29.95 10.25
C SER B 72 4.18 29.39 9.73
N ARG B 73 5.03 28.89 10.60
CA ARG B 73 6.29 28.31 10.16
C ARG B 73 6.53 26.90 10.70
N LEU B 74 6.16 26.64 11.94
CA LEU B 74 6.35 25.34 12.56
C LEU B 74 5.14 24.46 12.29
N LEU B 75 5.37 23.15 12.18
CA LEU B 75 4.33 22.22 11.78
C LEU B 75 4.51 20.89 12.48
N VAL B 76 3.50 20.47 13.25
CA VAL B 76 3.52 19.18 13.92
C VAL B 76 2.73 18.19 13.08
N SER B 77 3.23 16.94 13.00
CA SER B 77 2.54 15.88 12.29
C SER B 77 2.59 14.60 13.11
N ALA B 78 1.57 13.78 12.97
CA ALA B 78 1.45 12.50 13.68
C ALA B 78 1.36 11.36 12.68
N SER B 79 2.12 10.29 12.93
CA SER B 79 2.11 9.16 12.02
C SER B 79 2.02 7.84 12.78
N GLN B 80 1.67 6.79 12.03
CA GLN B 80 1.44 5.46 12.60
C GLN B 80 2.69 4.76 13.08
N ASP B 81 3.89 5.27 12.75
CA ASP B 81 5.09 4.72 13.35
C ASP B 81 5.23 5.10 14.82
N GLY B 82 4.22 5.72 15.41
CA GLY B 82 4.27 6.12 16.79
C GLY B 82 5.09 7.37 17.04
N LYS B 83 5.03 8.33 16.13
CA LYS B 83 5.87 9.51 16.24
C LYS B 83 5.11 10.76 15.84
N LEU B 84 5.29 11.80 16.65
CA LEU B 84 5.07 13.17 16.24
C LEU B 84 6.39 13.71 15.71
N ILE B 85 6.32 14.54 14.68
CA ILE B 85 7.50 15.24 14.20
C ILE B 85 7.15 16.71 14.04
N ILE B 86 7.98 17.58 14.60
CA ILE B 86 7.83 19.02 14.46
C ILE B 86 8.85 19.49 13.44
N TRP B 87 8.37 20.01 12.33
CA TRP B 87 9.14 20.47 11.20
C TRP B 87 9.19 21.99 11.17
N ASP B 88 10.31 22.51 10.68
CA ASP B 88 10.39 23.86 10.16
C ASP B 88 9.99 23.81 8.70
N SER B 89 8.83 24.40 8.37
CA SER B 89 8.30 24.29 7.02
C SER B 89 9.14 25.03 6.00
N TYR B 90 9.81 26.11 6.41
CA TYR B 90 10.65 26.87 5.49
C TYR B 90 11.90 26.09 5.06
N THR B 91 12.60 25.47 5.99
CA THR B 91 13.89 24.85 5.72
C THR B 91 13.85 23.33 5.66
N THR B 92 12.71 22.71 5.88
CA THR B 92 12.48 21.26 5.90
C THR B 92 13.18 20.61 7.10
N ASN B 93 13.84 21.40 7.95
CA ASN B 93 14.55 20.83 9.08
C ASN B 93 13.59 20.30 10.14
N LYS B 94 13.87 19.10 10.61
CA LYS B 94 13.08 18.51 11.70
C LYS B 94 13.49 19.11 13.03
N VAL B 95 12.66 20.01 13.55
CA VAL B 95 12.91 20.65 14.84
C VAL B 95 12.85 19.64 15.98
N HIS B 96 11.86 18.76 15.96
CA HIS B 96 11.72 17.75 17.00
C HIS B 96 11.18 16.45 16.43
N ALA B 97 11.45 15.36 17.14
CA ALA B 97 10.89 14.05 16.81
C ALA B 97 10.52 13.36 18.11
N ILE B 98 9.24 13.39 18.45
CA ILE B 98 8.71 12.90 19.72
C ILE B 98 8.21 11.47 19.50
N PRO B 99 8.84 10.47 20.10
CA PRO B 99 8.27 9.12 20.05
C PRO B 99 7.07 9.02 20.98
N LEU B 100 6.06 8.30 20.52
CA LEU B 100 4.81 8.15 21.27
C LEU B 100 4.77 6.80 21.98
N ARG B 101 4.10 6.79 23.13
CA ARG B 101 3.88 5.55 23.85
C ARG B 101 2.93 4.63 23.09
N SER B 102 1.93 5.20 22.43
CA SER B 102 0.95 4.45 21.64
C SER B 102 1.19 4.75 20.17
N SER B 103 1.42 3.71 19.37
CA SER B 103 1.65 3.89 17.95
C SER B 103 0.36 4.11 17.17
N TRP B 104 -0.79 4.00 17.84
CA TRP B 104 -2.09 4.20 17.20
C TRP B 104 -2.56 5.63 17.51
N VAL B 105 -2.01 6.58 16.78
CA VAL B 105 -2.31 7.99 16.96
C VAL B 105 -3.23 8.46 15.84
N MET B 106 -4.31 9.13 16.21
CA MET B 106 -5.34 9.58 15.28
C MET B 106 -5.40 11.09 15.13
N THR B 107 -4.89 11.83 16.10
CA THR B 107 -4.96 13.29 16.09
C THR B 107 -3.71 13.87 16.73
N CYS B 108 -3.42 15.12 16.39
CA CYS B 108 -2.35 15.87 17.02
C CYS B 108 -2.74 17.34 17.00
N ALA B 109 -2.22 18.09 17.98
CA ALA B 109 -2.50 19.50 18.10
C ALA B 109 -1.23 20.24 18.48
N TYR B 110 -1.23 21.54 18.22
CA TYR B 110 -0.09 22.39 18.52
C TYR B 110 -0.62 23.61 19.28
N ALA B 111 0.01 23.93 20.40
CA ALA B 111 -0.51 25.00 21.25
C ALA B 111 -0.36 26.35 20.55
N PRO B 112 -1.34 27.26 20.74
CA PRO B 112 -1.24 28.57 20.10
C PRO B 112 0.00 29.35 20.51
N SER B 113 0.48 29.17 21.74
CA SER B 113 1.73 29.77 22.16
C SER B 113 2.95 29.05 21.62
N GLY B 114 2.79 27.81 21.14
CA GLY B 114 3.90 27.01 20.68
C GLY B 114 4.66 26.30 21.77
N ASN B 115 4.24 26.41 23.02
CA ASN B 115 4.94 25.77 24.12
C ASN B 115 4.65 24.28 24.21
N TYR B 116 3.47 23.85 23.78
CA TYR B 116 3.03 22.47 23.97
C TYR B 116 2.54 21.89 22.65
N VAL B 117 2.54 20.56 22.60
CA VAL B 117 1.82 19.81 21.57
C VAL B 117 0.98 18.75 22.27
N ALA B 118 0.06 18.17 21.52
CA ALA B 118 -0.79 17.13 22.06
C ALA B 118 -1.04 16.07 21.00
N CYS B 119 -1.44 14.89 21.46
CA CYS B 119 -1.81 13.81 20.56
C CYS B 119 -2.72 12.84 21.31
N GLY B 120 -3.28 11.91 20.56
CA GLY B 120 -4.13 10.90 21.14
C GLY B 120 -4.49 9.88 20.09
N GLY B 121 -5.22 8.85 20.53
CA GLY B 121 -5.63 7.81 19.61
C GLY B 121 -6.43 6.70 20.25
N LEU B 122 -6.15 5.46 19.87
CA LEU B 122 -6.85 4.30 20.39
C LEU B 122 -6.51 4.01 21.86
N ASP B 123 -5.61 4.79 22.45
CA ASP B 123 -5.27 4.65 23.85
C ASP B 123 -6.27 5.34 24.77
N ASN B 124 -7.21 6.11 24.22
CA ASN B 124 -8.23 6.83 24.97
C ASN B 124 -7.62 7.89 25.88
N ILE B 125 -6.37 8.27 25.64
CA ILE B 125 -5.63 9.20 26.48
C ILE B 125 -5.14 10.34 25.60
N CYS B 126 -5.24 11.57 26.09
CA CYS B 126 -4.70 12.73 25.41
C CYS B 126 -3.35 13.07 26.04
N SER B 127 -2.27 12.78 25.33
CA SER B 127 -0.93 13.05 25.82
C SER B 127 -0.49 14.45 25.41
N ILE B 128 -0.11 15.25 26.39
CA ILE B 128 0.34 16.62 26.16
C ILE B 128 1.82 16.69 26.49
N TYR B 129 2.62 17.13 25.52
CA TYR B 129 4.07 17.22 25.61
C TYR B 129 4.49 18.67 25.68
N ASN B 130 5.45 18.96 26.55
CA ASN B 130 5.98 20.31 26.74
C ASN B 130 7.25 20.45 25.91
N LEU B 131 7.26 21.44 25.02
CA LEU B 131 8.39 21.66 24.14
C LEU B 131 9.47 22.55 24.75
N LYS B 132 9.16 23.27 25.82
CA LYS B 132 10.08 24.23 26.43
C LYS B 132 10.56 23.64 27.76
N THR B 133 11.66 22.89 27.70
CA THR B 133 12.22 22.24 28.88
C THR B 133 13.68 22.65 29.04
N ARG B 134 14.12 22.73 30.29
CA ARG B 134 15.51 23.06 30.58
C ARG B 134 16.45 21.99 30.05
N GLU B 135 16.06 20.72 30.17
CA GLU B 135 16.94 19.62 29.77
C GLU B 135 17.13 19.56 28.25
N GLY B 136 16.31 20.29 27.50
CA GLY B 136 16.45 20.34 26.05
C GLY B 136 15.72 19.23 25.30
N ASN B 137 15.07 18.32 26.00
CA ASN B 137 14.30 17.26 25.38
C ASN B 137 12.81 17.50 25.58
N VAL B 138 12.01 16.84 24.74
CA VAL B 138 10.56 16.89 24.90
C VAL B 138 10.16 15.90 25.99
N ARG B 139 9.34 16.36 26.94
CA ARG B 139 8.92 15.56 28.07
C ARG B 139 7.41 15.53 28.13
N VAL B 140 6.87 14.36 28.48
CA VAL B 140 5.43 14.19 28.58
C VAL B 140 4.92 15.05 29.73
N SER B 141 4.25 16.14 29.40
CA SER B 141 3.71 17.01 30.44
C SER B 141 2.56 16.34 31.18
N ARG B 142 1.51 15.93 30.45
CA ARG B 142 0.35 15.33 31.07
C ARG B 142 -0.17 14.18 30.22
N GLU B 143 -0.94 13.31 30.84
CA GLU B 143 -1.66 12.22 30.17
C GLU B 143 -3.11 12.28 30.63
N LEU B 144 -3.91 13.09 29.94
CA LEU B 144 -5.32 13.29 30.30
C LEU B 144 -6.10 12.03 29.95
N ALA B 145 -6.42 11.27 30.99
CA ALA B 145 -7.29 10.11 30.86
C ALA B 145 -8.68 10.44 31.38
N GLY B 146 -9.67 9.69 30.91
CA GLY B 146 -11.04 9.92 31.29
C GLY B 146 -12.04 9.67 30.18
N HIS B 147 -11.56 9.71 28.94
CA HIS B 147 -12.37 9.32 27.80
C HIS B 147 -12.46 7.79 27.73
N THR B 148 -13.60 7.30 27.28
CA THR B 148 -13.81 5.86 27.15
C THR B 148 -13.45 5.32 25.79
N GLY B 149 -13.83 6.01 24.70
CA GLY B 149 -13.45 5.63 23.37
C GLY B 149 -12.11 6.23 22.96
N TYR B 150 -11.72 5.92 21.73
CA TYR B 150 -10.50 6.49 21.17
C TYR B 150 -10.65 8.00 21.00
N LEU B 151 -9.52 8.67 20.81
CA LEU B 151 -9.49 10.12 20.71
C LEU B 151 -9.41 10.53 19.24
N SER B 152 -10.40 11.29 18.78
CA SER B 152 -10.53 11.60 17.37
C SER B 152 -9.95 12.96 16.99
N CYS B 153 -10.11 13.97 17.85
CA CYS B 153 -9.61 15.30 17.56
C CYS B 153 -9.22 15.98 18.87
N CYS B 154 -8.46 17.06 18.75
CA CYS B 154 -7.82 17.69 19.90
C CYS B 154 -7.40 19.11 19.52
N ARG B 155 -7.87 20.09 20.28
CA ARG B 155 -7.57 21.49 19.96
C ARG B 155 -7.38 22.28 21.25
N PHE B 156 -6.21 22.91 21.38
CA PHE B 156 -5.91 23.77 22.51
C PHE B 156 -6.76 25.04 22.49
N LEU B 157 -7.25 25.43 23.66
CA LEU B 157 -7.78 26.77 23.84
C LEU B 157 -6.70 27.75 24.27
N ASP B 158 -5.85 27.32 25.20
CA ASP B 158 -4.68 28.08 25.63
C ASP B 158 -3.71 27.07 26.23
N ASP B 159 -2.71 27.59 26.96
CA ASP B 159 -1.68 26.72 27.50
C ASP B 159 -2.20 25.78 28.58
N ASN B 160 -3.42 26.00 29.09
CA ASN B 160 -3.94 25.23 30.21
C ASN B 160 -5.31 24.62 29.95
N GLN B 161 -5.98 24.96 28.85
CA GLN B 161 -7.30 24.44 28.55
C GLN B 161 -7.27 23.75 27.19
N ILE B 162 -7.79 22.53 27.12
CA ILE B 162 -7.74 21.73 25.91
C ILE B 162 -9.06 20.99 25.73
N VAL B 163 -9.60 21.01 24.50
CA VAL B 163 -10.86 20.34 24.19
C VAL B 163 -10.56 19.11 23.34
N THR B 164 -11.05 17.96 23.80
CA THR B 164 -10.84 16.68 23.12
C THR B 164 -12.18 16.02 22.80
N SER B 165 -12.27 15.49 21.59
CA SER B 165 -13.43 14.73 21.15
C SER B 165 -13.03 13.27 21.02
N SER B 166 -13.95 12.37 21.37
CA SER B 166 -13.63 10.96 21.45
C SER B 166 -14.68 10.10 20.76
N GLY B 167 -14.36 8.82 20.64
CA GLY B 167 -15.27 7.83 20.09
C GLY B 167 -16.31 7.31 21.07
N ASP B 168 -16.29 7.79 22.31
CA ASP B 168 -17.33 7.45 23.26
C ASP B 168 -18.55 8.37 23.15
N THR B 169 -18.71 9.05 22.00
CA THR B 169 -19.77 9.98 21.69
C THR B 169 -19.71 11.21 22.60
N THR B 170 -18.61 11.43 23.30
CA THR B 170 -18.51 12.48 24.31
C THR B 170 -17.32 13.39 24.01
N CYS B 171 -17.57 14.70 24.05
CA CYS B 171 -16.51 15.70 23.99
C CYS B 171 -16.23 16.20 25.41
N ALA B 172 -15.08 16.86 25.58
CA ALA B 172 -14.73 17.32 26.91
C ALA B 172 -13.77 18.49 26.82
N LEU B 173 -13.90 19.40 27.79
CA LEU B 173 -12.92 20.47 28.02
C LEU B 173 -12.15 20.13 29.30
N TRP B 174 -10.83 20.14 29.19
CA TRP B 174 -9.91 19.70 30.23
C TRP B 174 -9.06 20.86 30.68
N ASP B 175 -8.86 20.97 32.00
CA ASP B 175 -7.84 21.81 32.58
C ASP B 175 -6.56 21.01 32.64
N ILE B 176 -5.53 21.45 31.90
CA ILE B 176 -4.33 20.65 31.73
C ILE B 176 -3.61 20.46 33.06
N GLU B 177 -3.51 21.53 33.86
CA GLU B 177 -2.79 21.44 35.12
C GLU B 177 -3.45 20.46 36.07
N THR B 178 -4.77 20.53 36.20
CA THR B 178 -5.48 19.61 37.10
C THR B 178 -5.42 18.18 36.60
N GLY B 179 -5.61 17.99 35.29
CA GLY B 179 -5.67 16.66 34.71
C GLY B 179 -7.05 16.06 34.65
N GLN B 180 -8.07 16.74 35.15
CA GLN B 180 -9.44 16.26 35.15
C GLN B 180 -10.29 17.12 34.22
N GLN B 181 -11.38 16.52 33.74
CA GLN B 181 -12.28 17.19 32.82
C GLN B 181 -12.95 18.39 33.49
N THR B 182 -12.67 19.58 32.98
CA THR B 182 -13.35 20.78 33.46
C THR B 182 -14.84 20.71 33.16
N THR B 183 -15.21 20.31 31.95
CA THR B 183 -16.62 20.14 31.62
C THR B 183 -16.77 19.08 30.55
N THR B 184 -17.98 18.56 30.42
CA THR B 184 -18.29 17.46 29.52
C THR B 184 -19.43 17.85 28.58
N PHE B 185 -19.23 17.58 27.30
CA PHE B 185 -20.19 17.91 26.26
C PHE B 185 -20.78 16.61 25.73
N THR B 186 -22.05 16.37 26.04
CA THR B 186 -22.76 15.18 25.61
C THR B 186 -24.00 15.58 24.81
N GLY B 187 -24.46 14.66 23.98
CA GLY B 187 -25.58 14.94 23.10
C GLY B 187 -25.46 14.25 21.76
N HIS B 188 -24.24 13.84 21.42
CA HIS B 188 -24.03 13.05 20.22
C HIS B 188 -24.33 11.58 20.49
N THR B 189 -24.89 10.91 19.48
CA THR B 189 -25.18 9.48 19.58
C THR B 189 -24.12 8.61 18.94
N GLY B 190 -23.38 9.10 17.95
CA GLY B 190 -22.35 8.34 17.29
C GLY B 190 -20.95 8.82 17.63
N ASP B 191 -19.98 8.14 17.03
CA ASP B 191 -18.57 8.43 17.29
C ASP B 191 -18.23 9.84 16.83
N VAL B 192 -17.77 10.68 17.76
CA VAL B 192 -17.41 12.05 17.42
C VAL B 192 -16.09 12.03 16.66
N MET B 193 -16.12 12.52 15.41
CA MET B 193 -14.97 12.45 14.53
C MET B 193 -14.15 13.72 14.48
N SER B 194 -14.77 14.89 14.32
CA SER B 194 -13.97 16.07 14.07
C SER B 194 -14.43 17.21 14.97
N LEU B 195 -13.53 18.17 15.16
CA LEU B 195 -13.66 19.23 16.13
C LEU B 195 -12.99 20.48 15.60
N SER B 196 -13.66 21.62 15.73
CA SER B 196 -13.11 22.89 15.25
C SER B 196 -13.47 23.99 16.24
N LEU B 197 -12.46 24.70 16.72
CA LEU B 197 -12.69 25.83 17.61
C LEU B 197 -13.05 27.09 16.82
N ALA B 198 -13.93 27.90 17.40
CA ALA B 198 -14.25 29.18 16.80
C ALA B 198 -13.07 30.13 16.97
N PRO B 199 -12.85 31.03 16.01
CA PRO B 199 -11.71 31.97 16.12
C PRO B 199 -11.99 33.14 17.04
N ASP B 200 -12.66 32.85 18.16
CA ASP B 200 -12.79 33.77 19.28
C ASP B 200 -12.58 33.01 20.58
N THR B 201 -12.56 31.68 20.49
CA THR B 201 -12.28 30.79 21.62
C THR B 201 -13.40 30.86 22.66
N ARG B 202 -14.63 31.10 22.21
CA ARG B 202 -15.82 30.95 23.05
C ARG B 202 -16.75 29.85 22.59
N LEU B 203 -16.57 29.34 21.37
CA LEU B 203 -17.43 28.31 20.81
C LEU B 203 -16.58 27.25 20.11
N PHE B 204 -17.21 26.13 19.81
CA PHE B 204 -16.60 25.14 18.92
C PHE B 204 -17.71 24.27 18.33
N VAL B 205 -17.35 23.48 17.33
CA VAL B 205 -18.31 22.68 16.58
C VAL B 205 -17.72 21.30 16.34
N SER B 206 -18.57 20.28 16.39
CA SER B 206 -18.13 18.89 16.32
C SER B 206 -19.00 18.09 15.37
N GLY B 207 -18.36 17.21 14.61
CA GLY B 207 -19.04 16.27 13.72
C GLY B 207 -18.83 14.85 14.22
N ALA B 208 -19.94 14.10 14.33
CA ALA B 208 -19.97 12.93 15.19
C ALA B 208 -20.71 11.74 14.58
N CYS B 209 -20.43 11.41 13.31
CA CYS B 209 -20.88 10.18 12.68
C CYS B 209 -22.39 9.99 12.67
N ASP B 210 -23.16 11.03 12.98
CA ASP B 210 -24.61 10.94 12.97
C ASP B 210 -25.23 11.67 11.78
N ALA B 211 -24.43 11.95 10.75
CA ALA B 211 -24.80 12.86 9.67
C ALA B 211 -25.23 14.21 10.24
N SER B 212 -24.69 14.55 11.40
CA SER B 212 -25.07 15.77 12.11
C SER B 212 -23.83 16.38 12.76
N ALA B 213 -23.89 17.69 12.94
CA ALA B 213 -22.89 18.43 13.67
C ALA B 213 -23.57 19.19 14.79
N LYS B 214 -22.82 19.51 15.83
CA LYS B 214 -23.36 20.27 16.95
C LYS B 214 -22.40 21.36 17.36
N LEU B 215 -22.95 22.51 17.73
CA LEU B 215 -22.17 23.63 18.22
C LEU B 215 -22.27 23.67 19.75
N TRP B 216 -21.12 23.81 20.40
CA TRP B 216 -21.01 23.79 21.85
C TRP B 216 -20.30 25.06 22.32
N ASP B 217 -20.86 25.71 23.32
CA ASP B 217 -20.21 26.83 23.99
C ASP B 217 -19.30 26.27 25.09
N VAL B 218 -18.12 26.89 25.25
CA VAL B 218 -17.10 26.29 26.09
C VAL B 218 -17.46 26.41 27.57
N ARG B 219 -17.84 27.61 28.00
CA ARG B 219 -18.06 27.87 29.42
C ARG B 219 -19.36 27.30 29.96
N GLU B 220 -20.46 27.43 29.22
CA GLU B 220 -21.74 26.94 29.71
C GLU B 220 -21.86 25.43 29.57
N GLY B 221 -21.08 24.83 28.69
CA GLY B 221 -21.13 23.39 28.50
C GLY B 221 -22.43 22.86 27.93
N MET B 222 -23.07 23.62 27.05
CA MET B 222 -24.38 23.25 26.52
C MET B 222 -24.37 23.41 25.01
N CYS B 223 -25.09 22.51 24.33
CA CYS B 223 -25.14 22.49 22.88
C CYS B 223 -26.12 23.55 22.39
N ARG B 224 -25.59 24.65 21.84
CA ARG B 224 -26.45 25.73 21.37
C ARG B 224 -27.31 25.33 20.19
N GLN B 225 -26.77 24.55 19.25
CA GLN B 225 -27.49 24.29 18.01
C GLN B 225 -27.00 22.98 17.41
N THR B 226 -27.89 22.33 16.65
CA THR B 226 -27.59 21.08 15.97
C THR B 226 -27.95 21.24 14.49
N PHE B 227 -27.02 20.84 13.63
CA PHE B 227 -27.17 20.95 12.18
C PHE B 227 -27.20 19.56 11.57
N THR B 228 -28.06 19.35 10.59
CA THR B 228 -28.17 18.08 9.89
C THR B 228 -28.18 18.32 8.38
N GLY B 229 -28.22 17.23 7.63
CA GLY B 229 -28.29 17.32 6.18
C GLY B 229 -27.45 16.30 5.44
N HIS B 230 -26.41 15.79 6.09
CA HIS B 230 -25.53 14.83 5.44
C HIS B 230 -26.20 13.45 5.37
N GLU B 231 -25.63 12.59 4.53
CA GLU B 231 -26.11 11.22 4.38
C GLU B 231 -25.23 10.19 5.08
N SER B 232 -24.04 10.57 5.51
CA SER B 232 -23.11 9.64 6.12
C SER B 232 -22.36 10.35 7.25
N ASP B 233 -21.36 9.68 7.79
CA ASP B 233 -20.60 10.21 8.91
C ASP B 233 -19.71 11.37 8.48
N ILE B 234 -19.62 12.37 9.35
CA ILE B 234 -18.85 13.58 9.09
C ILE B 234 -17.43 13.38 9.59
N ASN B 235 -16.47 13.35 8.67
CA ASN B 235 -15.08 13.08 9.02
C ASN B 235 -14.28 14.34 9.37
N ALA B 236 -14.71 15.50 8.90
CA ALA B 236 -13.95 16.72 9.08
C ALA B 236 -14.88 17.91 9.25
N ILE B 237 -14.38 18.94 9.92
CA ILE B 237 -15.15 20.15 10.19
C ILE B 237 -14.18 21.30 10.45
N CYS B 238 -14.60 22.50 10.06
CA CYS B 238 -13.80 23.70 10.32
C CYS B 238 -14.70 24.92 10.21
N PHE B 239 -14.30 25.98 10.93
CA PHE B 239 -15.02 27.25 10.94
C PHE B 239 -14.63 28.15 9.77
N PHE B 240 -15.61 28.92 9.30
CA PHE B 240 -15.34 30.05 8.45
C PHE B 240 -14.50 31.06 9.24
N PRO B 241 -13.60 31.80 8.58
CA PRO B 241 -12.64 32.62 9.34
C PRO B 241 -13.26 33.62 10.30
N ASN B 242 -14.45 34.15 10.03
CA ASN B 242 -15.07 35.08 10.95
C ASN B 242 -15.81 34.39 12.10
N GLY B 243 -15.91 33.06 12.06
CA GLY B 243 -16.58 32.31 13.10
C GLY B 243 -18.09 32.27 12.99
N ASN B 244 -18.67 32.82 11.93
CA ASN B 244 -20.12 32.85 11.75
C ASN B 244 -20.63 31.69 10.91
N ALA B 245 -19.75 30.83 10.41
CA ALA B 245 -20.15 29.71 9.57
C ALA B 245 -19.12 28.60 9.72
N PHE B 246 -19.49 27.41 9.28
CA PHE B 246 -18.57 26.28 9.38
C PHE B 246 -18.85 25.28 8.27
N ALA B 247 -17.80 24.58 7.85
CA ALA B 247 -17.88 23.64 6.75
C ALA B 247 -17.56 22.23 7.22
N THR B 248 -18.36 21.28 6.76
CA THR B 248 -18.22 19.88 7.10
C THR B 248 -17.92 19.07 5.85
N GLY B 249 -17.17 17.98 6.03
CA GLY B 249 -16.92 17.03 4.97
C GLY B 249 -17.23 15.63 5.44
N SER B 250 -18.12 14.93 4.74
CA SER B 250 -18.55 13.60 5.13
C SER B 250 -18.13 12.57 4.10
N ASP B 251 -18.45 11.31 4.36
CA ASP B 251 -18.04 10.19 3.50
C ASP B 251 -18.87 10.06 2.24
N ASP B 252 -19.93 10.87 2.06
CA ASP B 252 -20.74 10.84 0.86
C ASP B 252 -20.19 11.76 -0.23
N ALA B 253 -18.89 12.06 -0.17
CA ALA B 253 -18.21 12.90 -1.16
C ALA B 253 -18.85 14.27 -1.28
N THR B 254 -19.30 14.81 -0.15
CA THR B 254 -20.04 16.06 -0.15
C THR B 254 -19.54 16.97 0.96
N CYS B 255 -19.16 18.19 0.59
CA CYS B 255 -18.88 19.26 1.53
C CYS B 255 -20.15 20.06 1.76
N ARG B 256 -20.30 20.60 2.96
CA ARG B 256 -21.48 21.40 3.27
C ARG B 256 -21.11 22.57 4.15
N LEU B 257 -21.49 23.76 3.71
CA LEU B 257 -21.26 24.99 4.46
C LEU B 257 -22.55 25.38 5.15
N PHE B 258 -22.53 25.40 6.48
CA PHE B 258 -23.65 25.76 7.33
C PHE B 258 -23.39 27.10 8.00
N ASP B 259 -24.48 27.78 8.35
CA ASP B 259 -24.44 29.08 9.02
C ASP B 259 -24.81 28.91 10.48
N LEU B 260 -24.11 29.64 11.35
CA LEU B 260 -24.53 29.72 12.75
C LEU B 260 -25.82 30.50 12.90
N ARG B 261 -25.94 31.63 12.20
CA ARG B 261 -27.12 32.49 12.31
C ARG B 261 -28.34 31.91 11.61
N ALA B 262 -28.20 31.40 10.38
CA ALA B 262 -29.34 30.89 9.65
C ALA B 262 -29.81 29.53 10.14
N ASP B 263 -28.98 28.84 10.94
CA ASP B 263 -29.35 27.57 11.55
C ASP B 263 -29.67 26.50 10.49
N GLN B 264 -29.00 26.58 9.34
CA GLN B 264 -29.29 25.67 8.25
C GLN B 264 -28.10 25.61 7.30
N GLU B 265 -28.20 24.70 6.34
CA GLU B 265 -27.19 24.57 5.29
C GLU B 265 -27.19 25.81 4.40
N LEU B 266 -25.98 26.27 4.05
CA LEU B 266 -25.83 27.34 3.07
C LEU B 266 -25.42 26.81 1.70
N MET B 267 -24.43 25.95 1.62
CA MET B 267 -24.06 25.36 0.34
C MET B 267 -23.74 23.89 0.44
N THR B 268 -23.85 23.23 -0.71
CA THR B 268 -23.35 21.90 -0.96
C THR B 268 -22.25 21.96 -2.02
N TYR B 269 -21.09 21.42 -1.68
CA TYR B 269 -19.93 21.34 -2.58
C TYR B 269 -19.76 19.87 -2.94
N SER B 270 -20.34 19.47 -4.07
CA SER B 270 -20.24 18.09 -4.53
C SER B 270 -20.08 18.10 -6.04
N HIS B 271 -19.52 17.01 -6.57
CA HIS B 271 -19.35 16.87 -8.00
C HIS B 271 -19.60 15.42 -8.38
N ASP B 272 -19.96 15.21 -9.66
CA ASP B 272 -20.34 13.89 -10.11
C ASP B 272 -19.17 12.91 -10.11
N ASN B 273 -17.99 13.36 -10.53
CA ASN B 273 -16.86 12.47 -10.73
C ASN B 273 -16.10 12.17 -9.44
N ILE B 274 -16.52 12.74 -8.31
CA ILE B 274 -15.95 12.41 -7.01
C ILE B 274 -17.01 11.66 -6.22
N ILE B 275 -16.64 10.47 -5.73
CA ILE B 275 -17.54 9.61 -4.98
C ILE B 275 -16.95 9.17 -3.65
N CYS B 276 -15.66 9.35 -3.44
CA CYS B 276 -15.00 8.97 -2.20
C CYS B 276 -15.19 10.03 -1.13
N GLY B 277 -15.06 9.61 0.12
CA GLY B 277 -15.31 10.49 1.24
C GLY B 277 -14.24 11.55 1.41
N ILE B 278 -14.53 12.48 2.31
CA ILE B 278 -13.65 13.62 2.59
C ILE B 278 -12.93 13.35 3.91
N THR B 279 -11.60 13.39 3.87
CA THR B 279 -10.80 13.13 5.04
C THR B 279 -10.44 14.39 5.83
N SER B 280 -10.55 15.56 5.21
CA SER B 280 -10.16 16.81 5.86
C SER B 280 -10.74 17.99 5.10
N VAL B 281 -10.97 19.09 5.81
CA VAL B 281 -11.40 20.34 5.21
C VAL B 281 -10.62 21.49 5.83
N SER B 282 -10.52 22.59 5.09
CA SER B 282 -9.82 23.78 5.59
C SER B 282 -10.28 24.97 4.79
N PHE B 283 -10.13 26.15 5.37
CA PHE B 283 -10.44 27.42 4.73
C PHE B 283 -9.17 28.21 4.47
N SER B 284 -9.27 29.22 3.61
CA SER B 284 -8.20 30.18 3.45
C SER B 284 -8.38 31.32 4.45
N LYS B 285 -7.40 32.23 4.48
CA LYS B 285 -7.44 33.31 5.45
C LYS B 285 -8.65 34.21 5.22
N SER B 286 -8.96 34.53 3.97
CA SER B 286 -10.17 35.28 3.66
C SER B 286 -11.40 34.39 3.58
N GLY B 287 -11.22 33.06 3.51
CA GLY B 287 -12.34 32.14 3.51
C GLY B 287 -12.94 31.83 2.16
N ARG B 288 -12.45 32.42 1.07
CA ARG B 288 -13.07 32.18 -0.23
C ARG B 288 -12.72 30.81 -0.80
N LEU B 289 -11.59 30.24 -0.41
CA LEU B 289 -11.20 28.91 -0.88
C LEU B 289 -11.39 27.88 0.21
N LEU B 290 -12.31 26.95 -0.02
CA LEU B 290 -12.51 25.80 0.86
C LEU B 290 -11.73 24.62 0.31
N LEU B 291 -10.68 24.23 1.02
CA LEU B 291 -9.84 23.11 0.61
C LEU B 291 -10.33 21.84 1.29
N ALA B 292 -10.39 20.76 0.53
CA ALA B 292 -10.85 19.49 1.07
C ALA B 292 -10.01 18.34 0.53
N GLY B 293 -9.51 17.51 1.43
CA GLY B 293 -8.78 16.32 1.02
C GLY B 293 -9.72 15.14 0.87
N TYR B 294 -9.45 14.30 -0.13
CA TYR B 294 -10.34 13.22 -0.49
C TYR B 294 -9.61 11.89 -0.47
N ASP B 295 -10.39 10.82 -0.39
CA ASP B 295 -9.82 9.47 -0.44
C ASP B 295 -9.25 9.13 -1.81
N ASP B 296 -9.53 9.93 -2.83
CA ASP B 296 -9.11 9.65 -4.19
C ASP B 296 -7.73 10.21 -4.51
N PHE B 297 -6.86 10.32 -3.52
CA PHE B 297 -5.42 10.56 -3.62
C PHE B 297 -5.06 12.02 -3.86
N ASN B 298 -6.01 12.94 -3.96
CA ASN B 298 -5.71 14.34 -4.20
C ASN B 298 -6.71 15.26 -3.51
N CYS B 299 -6.28 16.50 -3.30
CA CYS B 299 -7.10 17.53 -2.66
C CYS B 299 -7.82 18.34 -3.71
N ASN B 300 -8.95 18.94 -3.34
CA ASN B 300 -9.68 19.83 -4.22
C ASN B 300 -9.95 21.16 -3.53
N VAL B 301 -9.78 22.24 -4.29
CA VAL B 301 -10.00 23.60 -3.83
C VAL B 301 -11.29 24.10 -4.46
N TRP B 302 -12.28 24.37 -3.62
CA TRP B 302 -13.60 24.83 -4.03
C TRP B 302 -13.73 26.32 -3.78
N ASP B 303 -14.39 27.01 -4.71
CA ASP B 303 -14.76 28.40 -4.49
C ASP B 303 -15.89 28.41 -3.46
N ALA B 304 -15.56 28.86 -2.24
CA ALA B 304 -16.51 28.76 -1.15
C ALA B 304 -17.77 29.59 -1.38
N LEU B 305 -17.73 30.54 -2.32
CA LEU B 305 -18.88 31.35 -2.65
C LEU B 305 -19.53 30.96 -3.97
N LYS B 306 -18.99 29.97 -4.69
CA LYS B 306 -19.60 29.50 -5.93
C LYS B 306 -19.74 27.99 -6.03
N ALA B 307 -19.20 27.22 -5.09
CA ALA B 307 -19.33 25.76 -5.09
C ALA B 307 -18.70 25.14 -6.34
N ASP B 308 -17.78 25.86 -6.95
CA ASP B 308 -17.08 25.40 -8.14
C ASP B 308 -15.68 24.92 -7.79
N ARG B 309 -15.31 23.77 -8.33
CA ARG B 309 -14.01 23.16 -8.08
C ARG B 309 -12.96 23.98 -8.82
N ALA B 310 -12.45 25.01 -8.16
CA ALA B 310 -11.57 25.96 -8.83
C ALA B 310 -10.11 25.53 -8.80
N GLY B 311 -9.78 24.41 -8.17
CA GLY B 311 -8.40 23.95 -8.21
C GLY B 311 -8.27 22.53 -7.73
N VAL B 312 -7.10 21.94 -8.03
CA VAL B 312 -6.78 20.58 -7.64
C VAL B 312 -5.35 20.55 -7.12
N LEU B 313 -5.14 19.84 -6.00
CA LEU B 313 -3.82 19.60 -5.45
C LEU B 313 -3.51 18.10 -5.50
N ALA B 314 -2.93 17.69 -6.63
CA ALA B 314 -2.49 16.31 -6.79
C ALA B 314 -0.98 16.20 -6.61
N GLY B 315 -0.53 15.00 -6.29
CA GLY B 315 0.89 14.78 -6.08
C GLY B 315 1.20 13.76 -5.00
N HIS B 316 0.19 13.37 -4.22
CA HIS B 316 0.39 12.33 -3.23
C HIS B 316 0.15 10.95 -3.82
N ASP B 317 0.95 9.99 -3.37
CA ASP B 317 0.83 8.61 -3.82
C ASP B 317 -0.24 7.82 -3.07
N ASN B 318 -0.96 8.45 -2.15
CA ASN B 318 -1.99 7.77 -1.39
C ASN B 318 -3.04 8.79 -0.94
N ARG B 319 -3.92 8.33 -0.04
CA ARG B 319 -5.03 9.15 0.42
C ARG B 319 -4.55 10.34 1.24
N VAL B 320 -5.04 11.52 0.90
CA VAL B 320 -4.74 12.74 1.64
C VAL B 320 -5.59 12.76 2.90
N SER B 321 -4.96 12.51 4.05
CA SER B 321 -5.65 12.48 5.33
C SER B 321 -5.58 13.77 6.11
N CYS B 322 -4.59 14.62 5.85
CA CYS B 322 -4.32 15.80 6.65
C CYS B 322 -4.30 17.03 5.76
N LEU B 323 -4.85 18.13 6.24
CA LEU B 323 -4.93 19.36 5.46
C LEU B 323 -5.01 20.54 6.41
N GLY B 324 -4.06 21.46 6.27
CA GLY B 324 -4.01 22.62 7.15
C GLY B 324 -3.53 23.84 6.40
N VAL B 325 -4.03 25.00 6.83
CA VAL B 325 -3.68 26.29 6.23
C VAL B 325 -3.04 27.15 7.31
N THR B 326 -1.97 27.85 6.95
CA THR B 326 -1.26 28.71 7.88
C THR B 326 -2.14 29.86 8.32
N ASP B 327 -1.84 30.39 9.52
CA ASP B 327 -2.63 31.48 10.07
C ASP B 327 -2.53 32.74 9.21
N ASP B 328 -1.37 32.98 8.60
CA ASP B 328 -1.23 34.08 7.67
C ASP B 328 -1.74 33.76 6.28
N GLY B 329 -2.05 32.49 6.01
CA GLY B 329 -2.58 32.09 4.72
C GLY B 329 -1.56 31.87 3.64
N MET B 330 -0.27 31.82 3.98
CA MET B 330 0.76 31.75 2.94
C MET B 330 0.76 30.41 2.21
N ALA B 331 0.72 29.30 2.93
CA ALA B 331 0.83 28.00 2.29
C ALA B 331 -0.23 27.06 2.85
N VAL B 332 -0.35 25.89 2.22
CA VAL B 332 -1.26 24.84 2.65
C VAL B 332 -0.47 23.53 2.73
N ALA B 333 -0.49 22.89 3.88
CA ALA B 333 0.19 21.62 4.04
C ALA B 333 -0.82 20.48 3.95
N THR B 334 -0.41 19.40 3.29
CA THR B 334 -1.20 18.19 3.20
C THR B 334 -0.36 17.01 3.64
N GLY B 335 -1.03 16.05 4.27
CA GLY B 335 -0.39 14.81 4.66
C GLY B 335 -1.19 13.63 4.16
N SER B 336 -0.47 12.61 3.72
CA SER B 336 -1.10 11.47 3.07
C SER B 336 -0.50 10.17 3.59
N TRP B 337 -1.11 9.06 3.20
CA TRP B 337 -0.76 7.75 3.71
C TRP B 337 0.56 7.21 3.16
N ASP B 338 1.23 7.96 2.29
CA ASP B 338 2.52 7.54 1.75
C ASP B 338 3.69 8.04 2.58
N SER B 339 3.42 8.63 3.74
CA SER B 339 4.39 9.12 4.73
C SER B 339 5.08 10.42 4.32
N PHE B 340 4.51 11.18 3.39
CA PHE B 340 5.10 12.44 2.96
C PHE B 340 4.15 13.59 3.23
N LEU B 341 4.68 14.64 3.82
CA LEU B 341 3.97 15.90 3.96
C LEU B 341 4.41 16.85 2.85
N LYS B 342 3.43 17.40 2.14
CA LYS B 342 3.71 18.30 1.04
C LYS B 342 3.15 19.68 1.35
N ILE B 343 3.99 20.69 1.20
CA ILE B 343 3.62 22.08 1.40
C ILE B 343 3.37 22.69 0.03
N TRP B 344 2.24 23.37 -0.12
CA TRP B 344 1.75 23.84 -1.41
C TRP B 344 1.58 25.35 -1.36
N ASN B 345 2.01 26.02 -2.42
CA ASN B 345 1.80 27.45 -2.57
C ASN B 345 1.85 27.84 -4.04
N LYS C 14 -35.29 15.89 27.59
CA LYS C 14 -34.05 16.53 27.21
C LYS C 14 -34.07 16.95 25.73
N LEU C 15 -34.60 16.08 24.87
CA LEU C 15 -34.72 16.43 23.45
C LEU C 15 -35.64 17.64 23.26
N VAL C 16 -36.76 17.67 23.99
CA VAL C 16 -37.71 18.78 23.87
C VAL C 16 -37.06 20.08 24.32
N GLU C 17 -36.34 20.05 25.44
CA GLU C 17 -35.66 21.25 25.92
C GLU C 17 -34.60 21.72 24.94
N GLN C 18 -33.83 20.78 24.40
CA GLN C 18 -32.80 21.14 23.42
C GLN C 18 -33.42 21.79 22.19
N LEU C 19 -34.49 21.20 21.67
CA LEU C 19 -35.14 21.77 20.48
C LEU C 19 -35.80 23.11 20.80
N LYS C 20 -36.34 23.25 22.01
CA LYS C 20 -36.92 24.53 22.41
C LYS C 20 -35.88 25.63 22.42
N MET C 21 -34.69 25.35 22.96
CA MET C 21 -33.65 26.38 23.02
C MET C 21 -33.07 26.62 21.63
N GLU C 22 -32.96 25.58 20.81
CA GLU C 22 -32.50 25.74 19.43
C GLU C 22 -33.45 26.59 18.60
N ALA C 23 -34.76 26.42 18.79
CA ALA C 23 -35.72 27.18 18.00
C ALA C 23 -35.66 28.68 18.33
N ASN C 24 -35.32 29.02 19.57
CA ASN C 24 -35.31 30.41 20.03
C ASN C 24 -33.92 31.02 19.78
N ILE C 25 -33.64 31.25 18.50
CA ILE C 25 -32.42 31.92 18.07
C ILE C 25 -32.81 32.97 17.02
N ASP C 26 -32.24 34.17 17.16
CA ASP C 26 -32.58 35.29 16.27
C ASP C 26 -31.93 35.03 14.91
N ARG C 27 -32.61 34.22 14.11
CA ARG C 27 -32.13 33.92 12.77
C ARG C 27 -32.20 35.15 11.88
N ILE C 28 -31.29 35.20 10.91
CA ILE C 28 -31.30 36.22 9.86
C ILE C 28 -31.53 35.53 8.53
N LYS C 29 -31.90 36.31 7.53
CA LYS C 29 -32.16 35.77 6.20
C LYS C 29 -30.92 35.13 5.63
N VAL C 30 -31.11 34.06 4.87
CA VAL C 30 -30.00 33.43 4.17
C VAL C 30 -29.36 34.42 3.21
N SER C 31 -30.16 35.33 2.64
CA SER C 31 -29.60 36.41 1.84
C SER C 31 -28.71 37.32 2.67
N LYS C 32 -29.11 37.64 3.90
CA LYS C 32 -28.32 38.54 4.74
C LYS C 32 -27.01 37.87 5.17
N ALA C 33 -27.08 36.61 5.58
CA ALA C 33 -25.87 35.88 5.94
C ALA C 33 -24.97 35.71 4.72
N ALA C 34 -25.58 35.49 3.55
CA ALA C 34 -24.82 35.41 2.32
C ALA C 34 -24.08 36.71 2.04
N ALA C 35 -24.76 37.84 2.24
CA ALA C 35 -24.12 39.14 2.06
C ALA C 35 -22.99 39.33 3.07
N ASP C 36 -23.17 38.85 4.30
CA ASP C 36 -22.10 38.93 5.29
C ASP C 36 -20.87 38.12 4.88
N LEU C 37 -21.10 36.89 4.38
CA LEU C 37 -19.98 36.09 3.90
C LEU C 37 -19.30 36.73 2.70
N MET C 38 -20.08 37.31 1.79
CA MET C 38 -19.52 38.04 0.66
C MET C 38 -18.66 39.20 1.14
N ALA C 39 -19.15 39.96 2.12
CA ALA C 39 -18.41 41.11 2.63
C ALA C 39 -17.11 40.67 3.28
N TYR C 40 -17.14 39.60 4.08
CA TYR C 40 -15.91 39.13 4.71
C TYR C 40 -14.91 38.63 3.68
N CYS C 41 -15.40 37.88 2.68
CA CYS C 41 -14.50 37.34 1.66
C CYS C 41 -13.86 38.46 0.84
N GLU C 42 -14.64 39.48 0.48
CA GLU C 42 -14.10 40.55 -0.35
C GLU C 42 -13.21 41.49 0.45
N ALA C 43 -13.53 41.69 1.74
CA ALA C 43 -12.76 42.63 2.56
C ALA C 43 -11.33 42.16 2.76
N HIS C 44 -11.14 40.85 2.95
CA HIS C 44 -9.81 40.29 3.16
C HIS C 44 -9.27 39.61 1.90
N ALA C 45 -9.83 39.92 0.74
CA ALA C 45 -9.41 39.24 -0.49
C ALA C 45 -7.96 39.52 -0.83
N LYS C 46 -7.53 40.79 -0.73
CA LYS C 46 -6.18 41.13 -1.16
C LYS C 46 -5.12 40.73 -0.14
N GLU C 47 -5.50 40.28 1.05
CA GLU C 47 -4.54 39.75 2.01
C GLU C 47 -4.46 38.23 1.98
N ASP C 48 -5.09 37.58 0.99
CA ASP C 48 -5.10 36.13 0.92
C ASP C 48 -4.00 35.67 -0.02
N PRO C 49 -2.92 35.05 0.48
CA PRO C 49 -1.87 34.58 -0.43
C PRO C 49 -2.28 33.44 -1.33
N LEU C 50 -3.50 32.92 -1.20
CA LEU C 50 -3.97 31.83 -2.07
C LEU C 50 -4.88 32.30 -3.18
N LEU C 51 -5.72 33.30 -2.92
CA LEU C 51 -6.48 33.91 -4.01
C LEU C 51 -5.56 34.66 -4.96
N THR C 52 -4.58 35.37 -4.42
CA THR C 52 -3.62 36.15 -5.21
C THR C 52 -2.22 35.70 -4.80
N PRO C 53 -1.63 34.76 -5.54
CA PRO C 53 -0.32 34.23 -5.15
C PRO C 53 0.74 35.33 -5.05
N VAL C 54 1.63 35.18 -4.09
CA VAL C 54 2.62 36.19 -3.75
C VAL C 54 3.93 35.90 -4.49
N PRO C 55 4.54 36.89 -5.13
CA PRO C 55 5.79 36.64 -5.87
C PRO C 55 6.91 36.18 -4.94
N ALA C 56 7.93 35.57 -5.56
CA ALA C 56 9.00 34.93 -4.78
C ALA C 56 9.73 35.90 -3.87
N SER C 57 9.71 37.20 -4.19
CA SER C 57 10.38 38.18 -3.36
C SER C 57 9.73 38.33 -1.99
N GLU C 58 8.43 38.04 -1.88
CA GLU C 58 7.72 38.07 -0.61
C GLU C 58 7.09 36.73 -0.25
N ASN C 59 7.53 35.64 -0.87
CA ASN C 59 7.00 34.31 -0.61
C ASN C 59 8.03 33.51 0.18
N PRO C 60 7.77 33.19 1.46
CA PRO C 60 8.76 32.43 2.25
C PRO C 60 9.05 31.04 1.70
N PHE C 61 8.14 30.46 0.92
CA PHE C 61 8.34 29.15 0.32
C PHE C 61 8.78 29.24 -1.13
N ARG C 62 8.92 30.43 -1.68
CA ARG C 62 9.28 30.61 -3.08
C ARG C 62 10.20 31.81 -3.27
N CYS D 10 34.34 -34.69 -45.85
CA CYS D 10 33.94 -35.30 -47.11
C CYS D 10 32.98 -34.39 -47.89
N LEU D 11 31.81 -34.92 -48.24
CA LEU D 11 30.83 -34.20 -49.02
C LEU D 11 29.85 -33.51 -48.08
N PHE D 12 29.65 -32.21 -48.28
CA PHE D 12 28.75 -31.41 -47.45
C PHE D 12 27.88 -30.48 -48.28
N ASP D 13 27.63 -30.79 -49.55
CA ASP D 13 26.90 -29.87 -50.41
C ASP D 13 25.39 -29.98 -50.24
N GLY D 14 24.84 -31.19 -50.34
CA GLY D 14 23.41 -31.35 -50.17
C GLY D 14 22.94 -30.99 -48.77
N VAL D 15 23.72 -31.39 -47.75
CA VAL D 15 23.41 -31.00 -46.38
C VAL D 15 23.37 -29.48 -46.26
N ASN D 16 24.36 -28.79 -46.82
CA ASN D 16 24.39 -27.34 -46.74
C ASN D 16 23.22 -26.70 -47.47
N GLU D 17 22.86 -27.20 -48.66
CA GLU D 17 21.75 -26.60 -49.40
C GLU D 17 20.43 -26.78 -48.66
N LEU D 18 20.12 -28.02 -48.26
CA LEU D 18 18.91 -28.28 -47.50
C LEU D 18 18.89 -27.45 -46.22
N MET D 19 20.02 -27.37 -45.53
CA MET D 19 20.05 -26.62 -44.28
C MET D 19 19.90 -25.12 -44.50
N LYS D 20 20.42 -24.58 -45.60
CA LYS D 20 20.20 -23.17 -45.87
C LYS D 20 18.72 -22.90 -46.10
N THR D 21 18.06 -23.77 -46.86
CA THR D 21 16.61 -23.64 -47.04
C THR D 21 15.89 -23.64 -45.70
N LEU D 22 16.24 -24.58 -44.83
CA LEU D 22 15.58 -24.64 -43.52
C LEU D 22 15.94 -23.46 -42.64
N GLN D 23 17.16 -22.92 -42.78
CA GLN D 23 17.53 -21.74 -42.02
C GLN D 23 16.63 -20.57 -42.36
N PHE D 24 16.43 -20.31 -43.66
CA PHE D 24 15.43 -19.29 -44.00
C PHE D 24 14.06 -19.65 -43.44
N ALA D 25 13.60 -20.88 -43.68
CA ALA D 25 12.23 -21.27 -43.36
C ALA D 25 11.94 -21.13 -41.87
N VAL D 26 12.94 -21.36 -41.03
CA VAL D 26 12.74 -21.25 -39.58
C VAL D 26 12.98 -19.83 -39.09
N HIS D 27 14.06 -19.18 -39.55
CA HIS D 27 14.46 -17.91 -38.96
C HIS D 27 13.54 -16.77 -39.37
N ILE D 28 13.00 -16.77 -40.59
CA ILE D 28 12.20 -15.63 -41.02
C ILE D 28 10.96 -15.47 -40.13
N PRO D 29 10.11 -16.51 -39.97
CA PRO D 29 9.01 -16.39 -39.00
C PRO D 29 9.50 -16.19 -37.59
N THR D 30 10.60 -16.86 -37.19
CA THR D 30 11.18 -16.61 -35.88
C THR D 30 11.58 -15.15 -35.74
N PHE D 31 12.23 -14.58 -36.75
CA PHE D 31 12.63 -13.19 -36.66
C PHE D 31 11.43 -12.28 -36.46
N VAL D 32 10.42 -12.38 -37.34
CA VAL D 32 9.31 -11.44 -37.27
C VAL D 32 8.54 -11.61 -35.96
N LEU D 33 8.24 -12.86 -35.59
CA LEU D 33 7.45 -13.11 -34.40
C LEU D 33 8.20 -12.70 -33.14
N GLY D 34 9.49 -13.03 -33.05
CA GLY D 34 10.26 -12.64 -31.88
C GLY D 34 10.41 -11.14 -31.76
N LEU D 35 10.64 -10.45 -32.88
CA LEU D 35 10.72 -9.00 -32.84
C LEU D 35 9.42 -8.40 -32.30
N LEU D 36 8.29 -8.81 -32.87
CA LEU D 36 7.01 -8.27 -32.43
C LEU D 36 6.76 -8.57 -30.96
N LEU D 37 6.90 -9.83 -30.57
CA LEU D 37 6.58 -10.23 -29.20
C LEU D 37 7.50 -9.57 -28.18
N ASN D 38 8.80 -9.46 -28.50
CA ASN D 38 9.72 -8.86 -27.54
C ASN D 38 9.54 -7.35 -27.46
N LEU D 39 9.16 -6.69 -28.56
CA LEU D 39 8.81 -5.27 -28.46
C LEU D 39 7.58 -5.08 -27.58
N LEU D 40 6.57 -5.94 -27.75
CA LEU D 40 5.39 -5.86 -26.87
C LEU D 40 5.76 -6.12 -25.41
N ALA D 41 6.64 -7.09 -25.17
CA ALA D 41 7.03 -7.40 -23.79
C ALA D 41 7.80 -6.25 -23.16
N ILE D 42 8.71 -5.64 -23.91
CA ILE D 42 9.43 -4.48 -23.39
C ILE D 42 8.48 -3.34 -23.10
N HIS D 43 7.50 -3.11 -23.99
CA HIS D 43 6.52 -2.07 -23.74
C HIS D 43 5.73 -2.34 -22.46
N GLY D 44 5.28 -3.58 -22.27
CA GLY D 44 4.48 -3.90 -21.11
C GLY D 44 5.24 -3.78 -19.81
N PHE D 45 6.48 -4.27 -19.79
CA PHE D 45 7.25 -4.20 -18.55
C PHE D 45 7.81 -2.81 -18.30
N SER D 46 8.03 -2.02 -19.35
CA SER D 46 8.32 -0.60 -19.13
C SER D 46 7.12 0.10 -18.53
N THR D 47 5.91 -0.25 -18.97
CA THR D 47 4.71 0.28 -18.35
C THR D 47 4.64 -0.10 -16.88
N PHE D 48 4.94 -1.36 -16.56
CA PHE D 48 4.97 -1.79 -15.16
C PHE D 48 5.99 -1.00 -14.34
N LEU D 49 7.18 -0.77 -14.91
CA LEU D 49 8.24 -0.12 -14.14
C LEU D 49 7.98 1.37 -13.95
N LYS D 50 7.45 2.05 -14.98
CA LYS D 50 7.26 3.50 -14.90
C LYS D 50 6.43 3.89 -13.69
N ASN D 51 5.38 3.14 -13.39
CA ASN D 51 4.55 3.39 -12.23
C ASN D 51 5.29 3.18 -10.92
N ARG D 52 6.44 2.54 -10.95
CA ARG D 52 7.25 2.27 -9.76
C ARG D 52 6.45 1.54 -8.68
N TRP D 53 5.62 0.61 -9.13
CA TRP D 53 4.94 -0.29 -8.21
C TRP D 53 5.98 -1.09 -7.43
N PRO D 54 6.08 -0.92 -6.11
CA PRO D 54 7.19 -1.55 -5.37
C PRO D 54 6.91 -3.02 -5.06
N ASP D 55 6.35 -3.72 -6.03
CA ASP D 55 6.29 -5.18 -6.02
C ASP D 55 6.76 -5.70 -7.37
N TYR D 56 6.41 -4.96 -8.43
CA TYR D 56 6.64 -5.46 -9.77
C TYR D 56 7.95 -4.94 -10.36
N ALA D 57 8.65 -4.05 -9.66
CA ALA D 57 9.86 -3.45 -10.20
C ALA D 57 11.00 -4.47 -10.28
N ALA D 58 11.23 -5.21 -9.20
CA ALA D 58 12.36 -6.14 -9.17
C ALA D 58 12.20 -7.23 -10.20
N THR D 59 10.98 -7.74 -10.38
CA THR D 59 10.76 -8.78 -11.39
C THR D 59 10.78 -8.17 -12.79
N SER D 60 10.22 -6.97 -12.94
CA SER D 60 10.16 -6.34 -14.25
C SER D 60 11.55 -6.02 -14.77
N ILE D 61 12.52 -5.75 -13.88
CA ILE D 61 13.86 -5.41 -14.36
C ILE D 61 14.49 -6.58 -15.11
N TYR D 62 14.48 -7.78 -14.52
CA TYR D 62 15.06 -8.90 -15.25
C TYR D 62 14.14 -9.50 -16.30
N MET D 63 12.82 -9.26 -16.25
CA MET D 63 12.02 -9.56 -17.44
C MET D 63 12.39 -8.64 -18.61
N ILE D 64 12.65 -7.36 -18.33
CA ILE D 64 13.14 -6.45 -19.36
C ILE D 64 14.49 -6.92 -19.89
N ASN D 65 15.37 -7.36 -18.98
CA ASN D 65 16.67 -7.85 -19.40
C ASN D 65 16.56 -9.05 -20.34
N LEU D 66 15.70 -10.01 -19.99
CA LEU D 66 15.50 -11.17 -20.86
C LEU D 66 14.91 -10.76 -22.20
N ALA D 67 13.93 -9.85 -22.19
CA ALA D 67 13.33 -9.39 -23.44
C ALA D 67 14.37 -8.68 -24.31
N VAL D 68 15.25 -7.90 -23.69
CA VAL D 68 16.29 -7.19 -24.44
C VAL D 68 17.27 -8.18 -25.08
N PHE D 69 17.68 -9.21 -24.33
CA PHE D 69 18.56 -10.21 -24.91
C PHE D 69 17.91 -10.94 -26.07
N ASP D 70 16.64 -11.32 -25.91
CA ASP D 70 15.92 -11.96 -27.02
C ASP D 70 15.78 -11.03 -28.21
N LEU D 71 15.55 -9.73 -27.96
CA LEU D 71 15.45 -8.76 -29.05
C LEU D 71 16.78 -8.63 -29.79
N LEU D 72 17.90 -8.64 -29.05
CA LEU D 72 19.20 -8.60 -29.69
C LEU D 72 19.42 -9.83 -30.56
N LEU D 73 19.04 -11.01 -30.07
CA LEU D 73 19.15 -12.22 -30.88
C LEU D 73 18.28 -12.11 -32.15
N VAL D 74 17.07 -11.58 -32.00
CA VAL D 74 16.17 -11.42 -33.14
C VAL D 74 16.79 -10.48 -34.17
N LEU D 75 17.34 -9.36 -33.72
CA LEU D 75 17.99 -8.42 -34.63
C LEU D 75 19.21 -9.04 -35.30
N SER D 76 19.92 -9.93 -34.60
CA SER D 76 21.07 -10.58 -35.20
C SER D 76 20.69 -11.68 -36.18
N LEU D 77 19.46 -12.19 -36.10
CA LEU D 77 19.06 -13.27 -37.02
C LEU D 77 19.12 -12.90 -38.49
N PRO D 78 18.61 -11.75 -38.97
CA PRO D 78 18.71 -11.45 -40.41
C PRO D 78 20.14 -11.42 -40.91
N PHE D 79 21.07 -10.88 -40.14
CA PHE D 79 22.47 -10.90 -40.52
C PHE D 79 22.99 -12.32 -40.62
N LYS D 80 22.56 -13.20 -39.72
CA LYS D 80 22.96 -14.61 -39.82
C LYS D 80 22.43 -15.25 -41.09
N MET D 81 21.17 -14.96 -41.44
CA MET D 81 20.63 -15.50 -42.69
C MET D 81 21.38 -14.98 -43.91
N VAL D 82 21.67 -13.69 -43.95
CA VAL D 82 22.31 -13.07 -45.11
C VAL D 82 23.76 -13.49 -45.25
N LEU D 83 24.58 -13.20 -44.24
CA LEU D 83 26.02 -13.39 -44.34
C LEU D 83 26.43 -14.85 -44.41
N SER D 84 25.54 -15.79 -44.13
CA SER D 84 25.88 -17.21 -44.24
C SER D 84 25.64 -17.76 -45.63
N GLN D 85 25.03 -16.99 -46.52
CA GLN D 85 24.81 -17.41 -47.90
C GLN D 85 25.82 -16.81 -48.87
N VAL D 86 26.17 -15.54 -48.67
CA VAL D 86 27.11 -14.84 -49.54
C VAL D 86 28.36 -14.51 -48.72
N GLN D 87 29.53 -14.74 -49.31
CA GLN D 87 30.78 -14.43 -48.64
C GLN D 87 30.89 -12.93 -48.42
N SER D 88 31.41 -12.54 -47.26
CA SER D 88 31.50 -11.14 -46.86
C SER D 88 32.96 -10.75 -46.69
N PRO D 89 33.45 -9.80 -47.51
CA PRO D 89 34.80 -9.25 -47.29
C PRO D 89 34.82 -8.20 -46.19
N PHE D 90 34.15 -8.53 -45.07
CA PHE D 90 34.04 -7.64 -43.91
C PHE D 90 34.26 -8.48 -42.67
N PRO D 91 35.52 -8.70 -42.28
CA PRO D 91 35.78 -9.45 -41.03
C PRO D 91 35.12 -8.82 -39.81
N SER D 92 35.13 -7.49 -39.73
CA SER D 92 34.51 -6.80 -38.62
C SER D 92 33.00 -7.02 -38.56
N LEU D 93 32.31 -6.95 -39.70
CA LEU D 93 30.87 -7.18 -39.71
C LEU D 93 30.53 -8.62 -39.31
N CYS D 94 31.28 -9.59 -39.84
CA CYS D 94 31.02 -10.98 -39.48
C CYS D 94 31.26 -11.22 -38.00
N THR D 95 32.33 -10.65 -37.46
CA THR D 95 32.60 -10.80 -36.03
C THR D 95 31.53 -10.13 -35.19
N LEU D 96 31.05 -8.96 -35.63
CA LEU D 96 29.98 -8.28 -34.91
C LEU D 96 28.70 -9.12 -34.91
N VAL D 97 28.36 -9.71 -36.04
CA VAL D 97 27.15 -10.54 -36.13
C VAL D 97 27.27 -11.75 -35.23
N GLU D 98 28.41 -12.44 -35.28
CA GLU D 98 28.60 -13.63 -34.45
C GLU D 98 28.56 -13.28 -32.97
N CYS D 99 29.19 -12.15 -32.60
CA CYS D 99 29.15 -11.70 -31.22
C CYS D 99 27.73 -11.40 -30.77
N LEU D 100 26.99 -10.62 -31.56
CA LEU D 100 25.62 -10.30 -31.19
C LEU D 100 24.79 -11.58 -31.01
N TYR D 101 24.89 -12.50 -31.97
CA TYR D 101 24.11 -13.73 -31.91
C TYR D 101 24.42 -14.54 -30.67
N PHE D 102 25.69 -14.93 -30.50
CA PHE D 102 26.03 -15.84 -29.40
C PHE D 102 25.90 -15.17 -28.03
N VAL D 103 26.28 -13.89 -27.93
CA VAL D 103 26.11 -13.16 -26.68
C VAL D 103 24.64 -13.08 -26.30
N SER D 104 23.76 -12.80 -27.27
CA SER D 104 22.35 -12.72 -26.96
C SER D 104 21.80 -14.08 -26.53
N MET D 105 22.23 -15.16 -27.21
CA MET D 105 21.75 -16.48 -26.85
C MET D 105 22.13 -16.83 -25.41
N TYR D 106 23.41 -16.65 -25.05
CA TYR D 106 23.81 -17.04 -23.70
C TYR D 106 23.37 -16.02 -22.66
N GLY D 107 23.12 -14.78 -23.04
CA GLY D 107 22.50 -13.85 -22.13
C GLY D 107 21.08 -14.24 -21.80
N SER D 108 20.33 -14.72 -22.79
CA SER D 108 19.02 -15.29 -22.52
C SER D 108 19.11 -16.49 -21.60
N VAL D 109 20.08 -17.38 -21.85
CA VAL D 109 20.24 -18.55 -20.99
C VAL D 109 20.51 -18.14 -19.55
N PHE D 110 21.43 -17.20 -19.34
CA PHE D 110 21.78 -16.79 -17.98
C PHE D 110 20.66 -16.00 -17.32
N THR D 111 19.92 -15.19 -18.08
CA THR D 111 18.78 -14.49 -17.49
C THR D 111 17.70 -15.46 -17.05
N ILE D 112 17.45 -16.51 -17.86
CA ILE D 112 16.49 -17.54 -17.47
C ILE D 112 16.95 -18.23 -16.19
N CYS D 113 18.24 -18.58 -16.14
CA CYS D 113 18.79 -19.23 -14.95
C CYS D 113 18.64 -18.35 -13.73
N PHE D 114 18.85 -17.04 -13.89
CA PHE D 114 18.70 -16.12 -12.77
C PHE D 114 17.25 -15.96 -12.36
N ILE D 115 16.33 -15.99 -13.33
CA ILE D 115 14.90 -15.95 -13.00
C ILE D 115 14.54 -17.15 -12.12
N SER D 116 15.04 -18.33 -12.49
CA SER D 116 14.76 -19.52 -11.71
C SER D 116 15.39 -19.44 -10.32
N MET D 117 16.62 -18.92 -10.23
CA MET D 117 17.25 -18.75 -8.93
C MET D 117 16.45 -17.80 -8.05
N ASP D 118 15.99 -16.69 -8.62
CA ASP D 118 15.20 -15.73 -7.86
C ASP D 118 13.88 -16.33 -7.38
N ARG D 119 13.21 -17.09 -8.25
CA ARG D 119 11.96 -17.73 -7.84
C ARG D 119 12.21 -18.74 -6.71
N PHE D 120 13.25 -19.56 -6.84
CA PHE D 120 13.53 -20.55 -5.80
C PHE D 120 13.89 -19.87 -4.49
N LEU D 121 14.66 -18.78 -4.55
CA LEU D 121 15.01 -18.07 -3.31
C LEU D 121 13.78 -17.46 -2.66
N ALA D 122 12.92 -16.83 -3.45
CA ALA D 122 11.72 -16.21 -2.89
C ALA D 122 10.76 -17.25 -2.33
N ILE D 123 10.77 -18.46 -2.88
CA ILE D 123 9.87 -19.51 -2.41
C ILE D 123 10.42 -20.25 -1.20
N ARG D 124 11.69 -20.65 -1.25
CA ARG D 124 12.28 -21.45 -0.18
C ARG D 124 12.65 -20.62 1.04
N TYR D 125 13.04 -19.36 0.85
CA TYR D 125 13.44 -18.48 1.94
C TYR D 125 12.59 -17.21 1.87
N PRO D 126 11.31 -17.30 2.22
CA PRO D 126 10.42 -16.14 2.03
C PRO D 126 10.74 -14.98 2.94
N LEU D 127 11.16 -15.21 4.18
CA LEU D 127 11.51 -14.10 5.06
C LEU D 127 12.72 -13.33 4.55
N LEU D 128 13.82 -14.04 4.29
CA LEU D 128 15.04 -13.39 3.83
C LEU D 128 14.80 -12.60 2.55
N VAL D 129 14.13 -13.21 1.58
CA VAL D 129 13.87 -12.53 0.32
C VAL D 129 12.92 -11.36 0.51
N SER D 130 11.91 -11.52 1.38
CA SER D 130 11.01 -10.42 1.65
C SER D 130 11.72 -9.24 2.30
N HIS D 131 12.85 -9.51 2.98
CA HIS D 131 13.66 -8.45 3.55
C HIS D 131 14.69 -7.91 2.57
N LEU D 132 15.60 -8.78 2.09
CA LEU D 132 16.73 -8.34 1.26
C LEU D 132 16.49 -8.62 -0.23
N ARG D 133 15.49 -7.92 -0.78
CA ARG D 133 15.28 -7.96 -2.23
C ARG D 133 14.74 -6.62 -2.67
N SER D 134 15.51 -5.91 -3.49
CA SER D 134 15.17 -4.57 -3.93
C SER D 134 15.50 -4.44 -5.41
N PRO D 135 14.84 -3.52 -6.11
CA PRO D 135 15.11 -3.37 -7.56
C PRO D 135 16.55 -3.06 -7.90
N ARG D 136 17.28 -2.33 -7.05
CA ARG D 136 18.66 -2.01 -7.35
C ARG D 136 19.56 -3.24 -7.34
N LYS D 137 19.30 -4.21 -6.45
CA LYS D 137 20.05 -5.46 -6.49
C LYS D 137 19.78 -6.24 -7.77
N ILE D 138 18.53 -6.26 -8.23
CA ILE D 138 18.19 -6.95 -9.47
C ILE D 138 18.88 -6.27 -10.65
N PHE D 139 18.90 -4.93 -10.66
CA PHE D 139 19.58 -4.21 -11.74
C PHE D 139 21.08 -4.49 -11.71
N GLY D 140 21.65 -4.57 -10.51
CA GLY D 140 23.06 -4.93 -10.41
C GLY D 140 23.36 -6.31 -10.94
N ILE D 141 22.47 -7.27 -10.64
CA ILE D 141 22.66 -8.63 -11.15
C ILE D 141 22.50 -8.67 -12.67
N CYS D 142 21.56 -7.88 -13.21
CA CYS D 142 21.43 -7.80 -14.66
C CYS D 142 22.68 -7.24 -15.32
N CYS D 143 23.25 -6.18 -14.71
CA CYS D 143 24.49 -5.62 -15.23
C CYS D 143 25.63 -6.62 -15.14
N THR D 144 25.67 -7.40 -14.05
CA THR D 144 26.67 -8.45 -13.92
C THR D 144 26.51 -9.51 -15.00
N ILE D 145 25.27 -9.86 -15.32
CA ILE D 145 25.03 -10.83 -16.39
C ILE D 145 25.54 -10.29 -17.73
N TRP D 146 25.26 -9.02 -18.01
CA TRP D 146 25.76 -8.42 -19.25
C TRP D 146 27.28 -8.44 -19.29
N VAL D 147 27.93 -8.05 -18.19
CA VAL D 147 29.39 -8.01 -18.14
C VAL D 147 29.96 -9.41 -18.35
N LEU D 148 29.39 -10.41 -17.68
CA LEU D 148 29.89 -11.77 -17.80
C LEU D 148 29.69 -12.33 -19.20
N VAL D 149 28.52 -12.09 -19.81
CA VAL D 149 28.25 -12.66 -21.12
C VAL D 149 29.13 -12.01 -22.16
N TRP D 150 29.43 -10.71 -22.02
CA TRP D 150 30.35 -10.09 -22.97
C TRP D 150 31.79 -10.49 -22.70
N THR D 151 32.15 -10.76 -21.44
CA THR D 151 33.49 -11.25 -21.15
C THR D 151 33.70 -12.63 -21.76
N GLY D 152 32.68 -13.47 -21.74
CA GLY D 152 32.78 -14.79 -22.36
C GLY D 152 32.85 -14.76 -23.86
N SER D 153 32.68 -13.59 -24.48
CA SER D 153 32.72 -13.48 -25.93
C SER D 153 34.13 -13.22 -26.46
N ILE D 154 35.15 -13.27 -25.62
CA ILE D 154 36.52 -13.13 -26.12
C ILE D 154 36.87 -14.24 -27.12
N PRO D 155 36.53 -15.51 -26.90
CA PRO D 155 36.86 -16.54 -27.90
C PRO D 155 36.22 -16.32 -29.27
N ILE D 156 35.20 -15.49 -29.42
CA ILE D 156 34.43 -15.46 -30.65
C ILE D 156 34.81 -14.30 -31.54
N TYR D 157 35.86 -13.56 -31.19
CA TYR D 157 36.49 -12.65 -32.13
C TYR D 157 37.55 -13.34 -32.97
N SER D 158 37.93 -14.58 -32.62
CA SER D 158 38.97 -15.32 -33.32
C SER D 158 38.47 -16.66 -33.84
N PHE D 159 37.21 -16.74 -34.28
CA PHE D 159 36.77 -17.93 -35.00
C PHE D 159 37.63 -18.17 -36.23
N HIS D 160 37.57 -17.26 -37.20
CA HIS D 160 38.19 -17.48 -38.49
C HIS D 160 39.63 -17.01 -38.53
N GLY D 161 40.11 -16.36 -37.47
CA GLY D 161 41.48 -15.88 -37.45
C GLY D 161 41.72 -14.87 -38.56
N LYS D 162 42.85 -15.01 -39.25
CA LYS D 162 43.19 -14.14 -40.36
C LYS D 162 42.76 -14.71 -41.70
N VAL D 163 42.06 -15.85 -41.70
CA VAL D 163 41.59 -16.45 -42.95
C VAL D 163 40.53 -15.55 -43.57
N GLU D 164 40.73 -15.20 -44.84
CA GLU D 164 39.82 -14.27 -45.51
C GLU D 164 38.46 -14.87 -45.82
N LYS D 165 38.30 -16.19 -45.67
CA LYS D 165 37.03 -16.86 -45.95
C LYS D 165 36.06 -16.65 -44.78
N TYR D 166 35.69 -15.39 -44.59
CA TYR D 166 34.74 -15.01 -43.54
C TYR D 166 33.31 -15.31 -43.99
N MET D 167 33.05 -16.59 -44.22
CA MET D 167 31.69 -17.10 -44.37
C MET D 167 31.13 -17.31 -42.98
N CYS D 168 30.23 -16.42 -42.57
CA CYS D 168 29.81 -16.36 -41.17
C CYS D 168 29.16 -17.68 -40.74
N PHE D 169 29.48 -18.09 -39.51
CA PHE D 169 28.92 -19.28 -38.88
C PHE D 169 29.28 -20.57 -39.60
N HIS D 170 30.48 -20.65 -40.19
CA HIS D 170 30.92 -21.86 -40.87
C HIS D 170 32.44 -22.01 -40.75
N ASN D 171 32.88 -23.25 -40.64
CA ASN D 171 34.31 -23.61 -40.62
C ASN D 171 35.09 -22.73 -39.66
N MET D 172 34.79 -22.87 -38.37
CA MET D 172 35.29 -21.92 -37.39
C MET D 172 36.82 -21.96 -37.33
N SER D 173 37.37 -23.04 -36.78
CA SER D 173 38.81 -23.21 -36.64
C SER D 173 39.06 -24.54 -35.94
N ASP D 174 40.34 -24.91 -35.85
CA ASP D 174 40.72 -25.99 -34.96
C ASP D 174 40.96 -25.51 -33.54
N ASP D 175 41.01 -24.19 -33.33
CA ASP D 175 41.21 -23.63 -32.00
C ASP D 175 39.88 -23.42 -31.28
N THR D 176 38.86 -22.95 -32.01
CA THR D 176 37.54 -22.79 -31.41
C THR D 176 36.98 -24.12 -30.94
N TRP D 177 37.14 -25.17 -31.75
CA TRP D 177 36.64 -26.50 -31.41
C TRP D 177 37.61 -27.28 -30.54
N SER D 178 38.57 -26.61 -29.91
CA SER D 178 39.45 -27.28 -28.97
C SER D 178 38.77 -27.47 -27.62
N ALA D 179 39.35 -28.35 -26.80
CA ALA D 179 38.77 -28.62 -25.49
C ALA D 179 38.77 -27.39 -24.60
N LYS D 180 39.85 -26.59 -24.65
CA LYS D 180 40.00 -25.45 -23.77
C LYS D 180 38.94 -24.38 -23.98
N VAL D 181 38.24 -24.40 -25.11
CA VAL D 181 37.14 -23.49 -25.38
C VAL D 181 35.80 -24.22 -25.31
N PHE D 182 35.77 -25.48 -25.76
CA PHE D 182 34.52 -26.22 -25.80
C PHE D 182 34.00 -26.52 -24.40
N PHE D 183 34.86 -27.06 -23.53
CA PHE D 183 34.40 -27.44 -22.20
C PHE D 183 33.93 -26.25 -21.37
N PRO D 184 34.66 -25.12 -21.32
CA PRO D 184 34.08 -23.94 -20.66
C PRO D 184 32.77 -23.49 -21.30
N LEU D 185 32.64 -23.64 -22.62
CA LEU D 185 31.38 -23.28 -23.27
C LEU D 185 30.24 -24.19 -22.82
N GLU D 186 30.46 -25.50 -22.82
CA GLU D 186 29.37 -26.42 -22.49
C GLU D 186 29.02 -26.37 -21.01
N VAL D 187 30.02 -26.41 -20.13
CA VAL D 187 29.75 -26.49 -18.70
C VAL D 187 29.09 -25.21 -18.20
N PHE D 188 29.66 -24.06 -18.53
CA PHE D 188 29.14 -22.79 -18.08
C PHE D 188 28.02 -22.26 -18.97
N GLY D 189 27.71 -22.94 -20.06
CA GLY D 189 26.68 -22.48 -20.96
C GLY D 189 25.44 -23.34 -20.94
N PHE D 190 25.61 -24.65 -20.74
CA PHE D 190 24.47 -25.55 -20.62
C PHE D 190 24.42 -26.26 -19.28
N LEU D 191 25.49 -26.96 -18.88
CA LEU D 191 25.39 -27.89 -17.77
C LEU D 191 25.17 -27.17 -16.44
N LEU D 192 25.90 -26.09 -16.19
CA LEU D 192 25.67 -25.33 -14.97
C LEU D 192 24.28 -24.71 -14.94
N PRO D 193 23.85 -23.96 -15.96
CA PRO D 193 22.46 -23.48 -15.96
C PRO D 193 21.43 -24.59 -16.01
N MET D 194 21.72 -25.73 -16.64
CA MET D 194 20.75 -26.82 -16.62
C MET D 194 20.56 -27.37 -15.22
N GLY D 195 21.67 -27.62 -14.51
CA GLY D 195 21.55 -28.10 -13.13
C GLY D 195 20.85 -27.11 -12.23
N ILE D 196 21.24 -25.83 -12.33
CA ILE D 196 20.60 -24.81 -11.50
C ILE D 196 19.12 -24.69 -11.82
N MET D 197 18.79 -24.67 -13.12
CA MET D 197 17.41 -24.54 -13.56
C MET D 197 16.56 -25.70 -13.06
N GLY D 198 17.05 -26.93 -13.23
CA GLY D 198 16.33 -28.10 -12.79
C GLY D 198 16.14 -28.12 -11.28
N PHE D 199 17.20 -27.85 -10.53
CA PHE D 199 17.09 -27.86 -9.08
C PHE D 199 16.10 -26.81 -8.59
N CYS D 200 16.25 -25.57 -9.06
CA CYS D 200 15.38 -24.50 -8.60
C CYS D 200 13.93 -24.78 -8.96
N CYS D 201 13.66 -25.20 -10.20
CA CYS D 201 12.28 -25.41 -10.60
C CYS D 201 11.66 -26.59 -9.88
N SER D 202 12.36 -27.72 -9.78
CA SER D 202 11.80 -28.88 -9.10
C SER D 202 11.57 -28.60 -7.62
N ARG D 203 12.51 -27.91 -6.97
CA ARG D 203 12.33 -27.58 -5.57
C ARG D 203 11.19 -26.59 -5.36
N SER D 204 11.03 -25.62 -6.27
CA SER D 204 9.91 -24.69 -6.13
C SER D 204 8.58 -25.42 -6.29
N ILE D 205 8.50 -26.35 -7.25
CA ILE D 205 7.28 -27.13 -7.41
C ILE D 205 6.99 -27.93 -6.15
N HIS D 206 8.03 -28.58 -5.60
CA HIS D 206 7.85 -29.40 -4.40
C HIS D 206 7.38 -28.55 -3.22
N ILE D 207 7.99 -27.38 -3.03
CA ILE D 207 7.62 -26.53 -1.90
C ILE D 207 6.20 -26.01 -2.06
N LEU D 208 5.85 -25.55 -3.27
CA LEU D 208 4.50 -25.02 -3.46
C LEU D 208 3.44 -26.11 -3.38
N LEU D 209 3.76 -27.35 -3.73
CA LEU D 209 2.81 -28.44 -3.55
C LEU D 209 2.71 -28.85 -2.09
N GLY D 210 3.80 -28.74 -1.33
CA GLY D 210 3.78 -29.08 0.08
C GLY D 210 2.97 -28.15 0.95
N ARG D 211 2.35 -27.13 0.36
CA ARG D 211 1.54 -26.19 1.13
C ARG D 211 0.14 -26.71 1.40
N ARG D 212 -0.22 -27.90 0.92
CA ARG D 212 -1.52 -28.45 1.25
C ARG D 212 -1.62 -28.84 2.72
N ASP D 213 -0.49 -29.06 3.39
CA ASP D 213 -0.47 -29.37 4.80
C ASP D 213 -0.47 -28.15 5.68
N HIS D 214 -0.30 -26.95 5.11
CA HIS D 214 -0.37 -25.70 5.84
C HIS D 214 -1.73 -25.03 5.75
N THR D 215 -2.32 -25.00 4.56
CA THR D 215 -3.61 -24.36 4.35
C THR D 215 -4.32 -25.04 3.20
N GLN D 216 -5.65 -24.95 3.19
CA GLN D 216 -6.45 -25.45 2.08
C GLN D 216 -6.54 -24.46 0.93
N ASP D 217 -5.93 -23.28 1.08
CA ASP D 217 -5.92 -22.26 0.04
C ASP D 217 -4.70 -22.36 -0.87
N TRP D 218 -3.93 -23.44 -0.74
CA TRP D 218 -2.74 -23.61 -1.58
C TRP D 218 -3.10 -23.67 -3.05
N VAL D 219 -4.31 -24.11 -3.38
CA VAL D 219 -4.73 -24.20 -4.78
C VAL D 219 -4.70 -22.84 -5.47
N GLN D 220 -4.74 -21.76 -4.70
CA GLN D 220 -4.61 -20.42 -5.28
C GLN D 220 -3.34 -20.30 -6.11
N GLN D 221 -2.28 -21.00 -5.72
CA GLN D 221 -1.01 -20.94 -6.42
C GLN D 221 -0.77 -22.13 -7.33
N LYS D 222 -1.82 -22.90 -7.65
CA LYS D 222 -1.64 -24.07 -8.50
C LYS D 222 -1.11 -23.66 -9.88
N ALA D 223 -1.62 -22.55 -10.42
CA ALA D 223 -1.07 -22.01 -11.66
C ALA D 223 0.42 -21.72 -11.53
N CYS D 224 0.86 -21.20 -10.38
CA CYS D 224 2.29 -20.96 -10.16
C CYS D 224 3.10 -22.22 -10.31
N ILE D 225 2.50 -23.40 -10.08
CA ILE D 225 3.17 -24.65 -10.38
C ILE D 225 3.42 -24.77 -11.87
N TYR D 226 2.34 -24.69 -12.67
CA TYR D 226 2.44 -25.02 -14.09
C TYR D 226 3.47 -24.13 -14.78
N SER D 227 3.38 -22.81 -14.56
CA SER D 227 4.37 -21.90 -15.12
C SER D 227 5.78 -22.39 -14.84
N ILE D 228 6.10 -22.66 -13.57
CA ILE D 228 7.46 -23.07 -13.24
C ILE D 228 7.81 -24.36 -13.97
N ALA D 229 6.86 -25.30 -14.02
CA ALA D 229 7.11 -26.54 -14.75
C ALA D 229 7.38 -26.26 -16.21
N ALA D 230 6.58 -25.38 -16.81
CA ALA D 230 6.82 -25.00 -18.20
C ALA D 230 8.22 -24.44 -18.36
N SER D 231 8.70 -23.70 -17.36
CA SER D 231 10.02 -23.11 -17.44
C SER D 231 11.08 -24.18 -17.65
N LEU D 232 10.92 -25.35 -17.02
CA LEU D 232 11.82 -26.45 -17.32
C LEU D 232 11.61 -26.95 -18.74
N ALA D 233 10.36 -27.23 -19.11
CA ALA D 233 10.09 -27.98 -20.33
C ALA D 233 10.65 -27.27 -21.56
N VAL D 234 10.45 -25.95 -21.63
CA VAL D 234 11.01 -25.20 -22.75
C VAL D 234 12.53 -25.14 -22.66
N PHE D 235 13.07 -24.87 -21.46
CA PHE D 235 14.52 -24.73 -21.35
C PHE D 235 15.22 -26.03 -21.74
N VAL D 236 14.58 -27.17 -21.47
CA VAL D 236 15.15 -28.44 -21.90
C VAL D 236 15.06 -28.58 -23.43
N VAL D 237 13.92 -28.22 -24.02
CA VAL D 237 13.78 -28.49 -25.44
C VAL D 237 14.54 -27.46 -26.26
N SER D 238 14.73 -26.26 -25.72
CA SER D 238 15.42 -25.21 -26.47
C SER D 238 16.93 -25.44 -26.49
N PHE D 239 17.51 -25.93 -25.39
CA PHE D 239 18.96 -25.89 -25.25
C PHE D 239 19.62 -27.24 -25.07
N LEU D 240 18.88 -28.29 -24.73
CA LEU D 240 19.48 -29.63 -24.68
C LEU D 240 19.95 -30.13 -26.05
N PRO D 241 19.15 -30.07 -27.12
CA PRO D 241 19.62 -30.62 -28.40
C PRO D 241 20.82 -29.90 -29.00
N VAL D 242 20.98 -28.60 -28.77
CA VAL D 242 22.08 -27.85 -29.37
C VAL D 242 23.43 -28.24 -28.76
N HIS D 243 23.53 -28.20 -27.44
CA HIS D 243 24.81 -28.45 -26.80
C HIS D 243 25.24 -29.90 -27.00
N LEU D 244 24.32 -30.85 -26.83
CA LEU D 244 24.57 -32.20 -27.32
C LEU D 244 25.01 -32.17 -28.76
N GLY D 245 24.26 -31.45 -29.62
CA GLY D 245 24.72 -31.22 -30.97
C GLY D 245 26.12 -30.65 -31.02
N PHE D 246 26.37 -29.58 -30.25
CA PHE D 246 27.73 -29.07 -30.15
C PHE D 246 28.70 -30.19 -29.82
N PHE D 247 28.37 -30.98 -28.78
CA PHE D 247 29.22 -32.09 -28.39
C PHE D 247 29.52 -32.98 -29.58
N LEU D 248 28.48 -33.36 -30.31
CA LEU D 248 28.69 -34.23 -31.47
C LEU D 248 29.66 -33.59 -32.46
N GLN D 249 29.41 -32.32 -32.81
CA GLN D 249 30.31 -31.66 -33.75
C GLN D 249 31.72 -31.56 -33.17
N PHE D 250 31.84 -31.34 -31.87
CA PHE D 250 33.15 -31.34 -31.24
C PHE D 250 33.86 -32.67 -31.51
N LEU D 251 33.15 -33.78 -31.29
CA LEU D 251 33.75 -35.08 -31.55
C LEU D 251 34.13 -35.25 -33.00
N VAL D 252 33.43 -34.56 -33.91
CA VAL D 252 33.82 -34.60 -35.31
C VAL D 252 35.14 -33.87 -35.51
N ARG D 253 35.30 -32.70 -34.90
CA ARG D 253 36.44 -31.85 -35.23
C ARG D 253 37.72 -32.33 -34.57
N ASN D 254 37.64 -33.20 -33.57
CA ASN D 254 38.81 -33.73 -32.90
C ASN D 254 39.16 -35.14 -33.35
N SER D 255 38.65 -35.56 -34.51
CA SER D 255 38.94 -36.86 -35.11
C SER D 255 38.51 -38.01 -34.19
N PHE D 256 37.37 -37.83 -33.53
CA PHE D 256 36.75 -38.93 -32.79
C PHE D 256 35.65 -39.62 -33.59
N ILE D 257 35.06 -38.93 -34.55
CA ILE D 257 34.04 -39.48 -35.43
C ILE D 257 34.55 -39.34 -36.86
N VAL D 258 34.54 -40.45 -37.60
CA VAL D 258 35.24 -40.50 -38.88
C VAL D 258 34.31 -40.74 -40.07
N GLU D 259 33.15 -41.37 -39.89
CA GLU D 259 32.31 -41.73 -41.02
C GLU D 259 31.73 -40.49 -41.70
N CYS D 260 31.62 -40.54 -43.03
CA CYS D 260 31.12 -39.40 -43.78
C CYS D 260 29.63 -39.19 -43.56
N ARG D 261 28.86 -40.29 -43.54
CA ARG D 261 27.43 -40.17 -43.24
C ARG D 261 27.22 -39.64 -41.83
N ALA D 262 28.01 -40.11 -40.87
CA ALA D 262 27.91 -39.60 -39.51
C ALA D 262 28.24 -38.11 -39.45
N LYS D 263 29.29 -37.69 -40.16
CA LYS D 263 29.65 -36.28 -40.18
C LYS D 263 28.55 -35.43 -40.78
N GLN D 264 27.96 -35.88 -41.90
CA GLN D 264 26.90 -35.11 -42.53
C GLN D 264 25.68 -35.02 -41.63
N SER D 265 25.29 -36.14 -41.02
CA SER D 265 24.12 -36.14 -40.13
C SER D 265 24.37 -35.26 -38.92
N ILE D 266 25.57 -35.32 -38.34
CA ILE D 266 25.88 -34.52 -37.18
C ILE D 266 25.87 -33.03 -37.51
N SER D 267 26.44 -32.66 -38.65
CA SER D 267 26.42 -31.26 -39.05
C SER D 267 25.00 -30.77 -39.28
N PHE D 268 24.17 -31.58 -39.96
CA PHE D 268 22.79 -31.20 -40.19
C PHE D 268 22.03 -31.03 -38.88
N PHE D 269 22.22 -31.98 -37.96
CA PHE D 269 21.54 -31.92 -36.67
C PHE D 269 21.98 -30.70 -35.88
N LEU D 270 23.28 -30.39 -35.91
CA LEU D 270 23.80 -29.23 -35.19
C LEU D 270 23.19 -27.94 -35.72
N GLN D 271 23.20 -27.77 -37.05
CA GLN D 271 22.66 -26.54 -37.61
C GLN D 271 21.16 -26.44 -37.36
N LEU D 272 20.44 -27.55 -37.48
CA LEU D 272 18.99 -27.52 -37.23
C LEU D 272 18.70 -27.19 -35.77
N SER D 273 19.50 -27.72 -34.84
CA SER D 273 19.32 -27.40 -33.43
C SER D 273 19.59 -25.92 -33.16
N MET D 274 20.66 -25.37 -33.75
CA MET D 274 20.95 -23.95 -33.55
C MET D 274 19.85 -23.08 -34.14
N CYS D 275 19.20 -23.56 -35.21
CA CYS D 275 18.04 -22.83 -35.72
C CYS D 275 16.86 -22.91 -34.75
N PHE D 276 16.62 -24.09 -34.18
CA PHE D 276 15.46 -24.27 -33.32
C PHE D 276 15.61 -23.51 -32.00
N SER D 277 16.82 -23.40 -31.46
CA SER D 277 16.98 -22.69 -30.19
C SER D 277 16.76 -21.19 -30.30
N ASN D 278 16.71 -20.64 -31.50
CA ASN D 278 16.31 -19.25 -31.65
C ASN D 278 14.81 -19.08 -31.60
N VAL D 279 14.05 -20.18 -31.64
CA VAL D 279 12.63 -20.14 -31.29
C VAL D 279 12.43 -19.91 -29.80
N ASN D 280 13.48 -20.10 -28.99
CA ASN D 280 13.40 -19.78 -27.57
C ASN D 280 13.12 -18.32 -27.32
N CYS D 281 13.54 -17.42 -28.22
CA CYS D 281 13.22 -16.01 -28.06
C CYS D 281 11.73 -15.74 -28.19
N CYS D 282 10.98 -16.66 -28.77
CA CYS D 282 9.52 -16.61 -28.81
C CYS D 282 8.87 -17.45 -27.72
N LEU D 283 9.50 -18.56 -27.34
CA LEU D 283 8.96 -19.38 -26.27
C LEU D 283 9.12 -18.69 -24.92
N ASP D 284 10.06 -17.76 -24.81
CA ASP D 284 10.25 -17.03 -23.55
C ASP D 284 9.12 -16.07 -23.26
N VAL D 285 8.57 -15.40 -24.28
CA VAL D 285 7.43 -14.52 -24.05
C VAL D 285 6.15 -15.30 -23.81
N PHE D 286 6.19 -16.62 -23.96
CA PHE D 286 5.07 -17.49 -23.62
C PHE D 286 5.19 -18.12 -22.24
N VAL D 287 6.34 -18.72 -21.93
CA VAL D 287 6.56 -19.29 -20.59
C VAL D 287 6.54 -18.19 -19.54
N TYR D 288 7.25 -17.10 -19.81
CA TYR D 288 7.12 -15.87 -19.05
C TYR D 288 6.25 -14.92 -19.85
N TYR D 289 5.98 -13.75 -19.29
CA TYR D 289 5.42 -12.61 -20.01
C TYR D 289 3.95 -12.82 -20.38
N PHE D 290 3.44 -14.05 -20.30
CA PHE D 290 2.09 -14.41 -20.70
C PHE D 290 1.43 -15.38 -19.75
N VAL D 291 2.15 -15.84 -18.73
CA VAL D 291 1.54 -16.58 -17.63
C VAL D 291 1.05 -15.66 -16.53
N ILE D 292 1.47 -14.40 -16.52
CA ILE D 292 0.93 -13.39 -15.64
C ILE D 292 -0.49 -13.08 -16.12
N LYS D 293 -1.22 -12.27 -15.35
CA LYS D 293 -2.67 -12.14 -15.44
C LYS D 293 -3.23 -12.16 -16.86
N GLU D 294 -2.88 -11.18 -17.69
CA GLU D 294 -3.10 -11.27 -19.12
C GLU D 294 -1.91 -10.63 -19.84
N PHE D 295 -1.09 -9.91 -19.08
CA PHE D 295 -0.08 -9.01 -19.60
C PHE D 295 -0.74 -7.98 -20.52
N ARG D 296 -1.59 -7.16 -19.90
CA ARG D 296 -2.47 -6.26 -20.62
C ARG D 296 -1.71 -5.38 -21.60
N MET D 297 -1.98 -5.57 -22.89
CA MET D 297 -1.34 -4.79 -23.95
C MET D 297 -1.89 -3.37 -23.97
C10 A1D9E E . 30.54 -19.21 -28.32
C15 A1D9E E . 29.89 -23.66 -32.39
C19 A1D9E E . 28.59 -24.32 -34.94
C28 A1D9E E . 29.98 -26.29 -41.12
C27 A1D9E E . 31.16 -27.01 -40.32
C01 A1D9E E . 31.01 -17.06 -18.80
C02 A1D9E E . 29.96 -17.00 -19.93
C03 A1D9E E . 30.02 -18.14 -20.97
C04 A1D9E E . 29.23 -17.90 -22.29
C05 A1D9E E . 29.33 -16.48 -22.91
C06 A1D9E E . 28.72 -16.32 -24.34
C07 A1D9E E . 29.73 -16.51 -25.51
C08 A1D9E E . 29.52 -17.79 -26.36
C09 A1D9E E . 30.79 -18.41 -27.00
C11 A1D9E E . 31.44 -20.46 -28.54
C12 A1D9E E . 31.46 -21.03 -29.99
C13 A1D9E E . 30.46 -22.18 -30.27
C14 A1D9E E . 30.92 -23.25 -31.31
C16 A1D9E E . 29.54 -22.65 -33.48
C20 A1D9E E . 28.96 -24.68 -36.44
C21 A1D9E E . 30.51 -24.73 -36.72
C29 A1D9E E . 30.09 -26.33 -42.72
C30 A1D9E E . 30.60 -27.71 -43.34
C31 A1D9E E . 30.96 -28.74 -42.24
C32 A1D9E E . 31.91 -28.09 -41.20
O17 A1D9E E . 29.93 -21.47 -33.37
O18 A1D9E E . 28.82 -22.96 -34.57
O22 A1D9E E . 30.87 -25.85 -37.41
O24 A1D9E E . 33.19 -24.71 -37.80
O25 A1D9E E . 33.02 -27.28 -37.81
O26 A1D9E E . 32.06 -26.12 -39.83
O33 A1D9E E . 32.99 -27.48 -41.85
O34 A1D9E E . 31.66 -29.81 -42.85
O35 A1D9E E . 29.54 -28.21 -44.13
O36 A1D9E E . 28.84 -26.02 -43.26
O37 A1D9E E . 29.94 -24.94 -40.75
O38 A1D9E E . 28.37 -23.72 -37.26
P23 A1D9E E . 32.44 -25.96 -38.12
#